data_7BI9
#
_entry.id   7BI9
#
_cell.length_a   55.943
_cell.length_b   135.397
_cell.length_c   151.603
_cell.angle_alpha   90.000
_cell.angle_beta   90.000
_cell.angle_gamma   90.000
#
_symmetry.space_group_name_H-M   'P 21 21 21'
#
loop_
_entity.id
_entity.type
_entity.pdbx_description
1 polymer 'Phosphatidylinositol 4-phosphate 3-kinase C2 domain-containing subunit alpha,Phosphatidylinositol 4-phosphate 3-kinase C2 domain-containing subunit alpha'
2 non-polymer 'N-(2,3-DIHYDRO-7,8-DIMETHOXYIMIDAZO[1,2-C] QUINAZOLIN-5-YL)NICOTINAMIDE'
3 non-polymer 1,2-ETHANEDIOL
4 water water
#
_entity_poly.entity_id   1
_entity_poly.type   'polypeptide(L)'
_entity_poly.pdbx_seq_one_letter_code
;GAVQNDEVAAFCQSIMKLKTKFPYTDHCTNPGYLLSPVTVQRNMCGENASVKVSIEIEGLQLPVTFTCDVSSTVEIIIMQ
ALCWVHDDLNQVDVGSYILKVCGQEEVLQNNHCLGSHEHIQNCRKWDTEIKLQLLTLSAMCQNLARTAEDDEAPVDLNGS
GSVMTRHSAGAGSGASTGCPRGSRNIKEAWTATEQLQFTVYAAHGISSNWVSNYEKYYLICSLSHNGKDLFKPIQSKKVG
TYKNAAYLIKWDELIIFPIQISQLPLESVLHLTLFGVLNQSSGSSPDSNKQRKGPEALGKVSLTLFDFKRFLTCGTKLAY
LWTSSHTNSIPGAIPKKSYVMERIVLQVDFPSPAFDIIYTSPQIDRNIIQQDKLETLESDIKGKLLDIIHRDSSFGLSKE
DKVFLWENRYYCLKHPNCLPKILASAPNWKWANLAKTYSLLHQWPPLCPLAALELLDAKFADQEVRSLAVSWMEAISDDE
LADLLPQFVQALKYEIYLNSSLVRFLLSRALGNIQIAHSLYWLLKDALHDTHFGSRYEHVLGALLSVGGKGLREELSKQM
KLVQLLGGVAEKVRQASGSTRQVVLQKSMERVQSFFLRNKCRLPLKPSLVAKELNIKSCSFFSSNAMPLKVTMVNADPLG
EEINVMFKVGEDLRQDMLALQMIKIMDKIWLKEGLDLRMVIFRCLSTGRDRGMVELVPASDTLRKIQVEYGVTGSFKDKP
LAEWLRKYNPSEEEYEKASENFIYSCAGCCVATYVLGICDRHNDNIMLRSTGHMFHIDFGKFLGHAQMFGSFKRDRAPFV
LTSDMAYVINGGEKPTIRFQLFVDLCCQAYNLIRKQTNLFLNLLSLMIPSGLPELTSIQDLKYVRDALQPQTTDAEATIF
FTRLIESSLGSIATKFNFFIHNLAQLRFSG
;
_entity_poly.pdbx_strand_id   A
#
loop_
_chem_comp.id
_chem_comp.type
_chem_comp.name
_chem_comp.formula
090 non-polymer 'N-(2,3-DIHYDRO-7,8-DIMETHOXYIMIDAZO[1,2-C] QUINAZOLIN-5-YL)NICOTINAMIDE' 'C18 H16 N5 O3 1'
EDO non-polymer 1,2-ETHANEDIOL 'C2 H6 O2'
#
# COMPACT_ATOMS: atom_id res chain seq x y z
N GLN A 4 1.80 -30.25 -0.42
CA GLN A 4 2.18 -28.88 -0.89
C GLN A 4 3.03 -28.99 -2.17
N ASN A 5 3.97 -29.94 -2.21
CA ASN A 5 4.87 -30.20 -3.36
C ASN A 5 4.09 -30.25 -4.68
N ASP A 6 2.84 -30.77 -4.64
CA ASP A 6 1.97 -30.91 -5.83
C ASP A 6 1.40 -29.53 -6.23
N GLU A 7 0.92 -28.76 -5.25
CA GLU A 7 0.37 -27.39 -5.46
C GLU A 7 1.46 -26.47 -6.02
N VAL A 8 2.68 -26.56 -5.47
CA VAL A 8 3.88 -25.79 -5.89
C VAL A 8 4.23 -26.13 -7.35
N ALA A 9 4.08 -27.40 -7.74
CA ALA A 9 4.37 -27.91 -9.11
C ALA A 9 3.41 -27.28 -10.12
N ALA A 10 2.10 -27.28 -9.81
CA ALA A 10 1.02 -26.77 -10.69
C ALA A 10 1.13 -25.25 -10.81
N PHE A 11 1.47 -24.57 -9.71
CA PHE A 11 1.76 -23.11 -9.66
C PHE A 11 2.85 -22.78 -10.68
N CYS A 12 3.97 -23.52 -10.63
CA CYS A 12 5.16 -23.34 -11.50
C CYS A 12 4.78 -23.57 -12.98
N GLN A 13 3.94 -24.57 -13.27
CA GLN A 13 3.46 -24.87 -14.65
C GLN A 13 2.55 -23.74 -15.14
N SER A 14 1.79 -23.13 -14.22
CA SER A 14 0.88 -21.98 -14.50
C SER A 14 1.71 -20.73 -14.82
N ILE A 15 2.81 -20.51 -14.09
CA ILE A 15 3.70 -19.32 -14.24
C ILE A 15 4.49 -19.42 -15.55
N MET A 16 4.99 -20.61 -15.91
CA MET A 16 5.65 -20.86 -17.22
C MET A 16 4.70 -20.43 -18.33
N LYS A 17 3.41 -20.79 -18.22
CA LYS A 17 2.34 -20.46 -19.19
C LYS A 17 2.13 -18.94 -19.23
N LEU A 18 2.27 -18.27 -18.08
CA LEU A 18 2.09 -16.80 -17.93
C LEU A 18 3.24 -16.06 -18.61
N LYS A 19 4.48 -16.56 -18.47
CA LYS A 19 5.70 -15.98 -19.08
C LYS A 19 5.57 -15.96 -20.61
N THR A 20 4.91 -16.96 -21.20
CA THR A 20 4.76 -17.12 -22.67
C THR A 20 4.01 -15.92 -23.25
N LYS A 21 3.22 -15.22 -22.42
CA LYS A 21 2.43 -14.03 -22.82
C LYS A 21 3.27 -12.74 -22.70
N PHE A 22 4.53 -12.84 -22.26
CA PHE A 22 5.46 -11.70 -22.07
C PHE A 22 6.83 -12.04 -22.67
N PRO A 23 6.94 -12.16 -24.02
CA PRO A 23 8.22 -12.41 -24.67
C PRO A 23 9.16 -11.20 -24.57
N TYR A 24 10.47 -11.44 -24.50
CA TYR A 24 11.53 -10.41 -24.34
C TYR A 24 11.55 -9.49 -25.57
N THR A 25 10.92 -9.92 -26.66
CA THR A 25 10.88 -9.22 -27.97
C THR A 25 9.97 -7.98 -27.87
N ASP A 26 8.84 -8.11 -27.17
CA ASP A 26 7.80 -7.06 -27.01
C ASP A 26 8.36 -5.94 -26.09
N HIS A 27 8.78 -4.82 -26.69
CA HIS A 27 9.32 -3.63 -25.98
C HIS A 27 8.24 -3.03 -25.07
N CYS A 28 6.98 -3.08 -25.51
CA CYS A 28 5.77 -2.62 -24.77
C CYS A 28 5.83 -3.09 -23.31
N THR A 29 5.93 -4.41 -23.09
CA THR A 29 5.87 -5.06 -21.75
C THR A 29 7.28 -5.35 -21.19
N ASN A 30 8.32 -5.33 -22.04
CA ASN A 30 9.73 -5.57 -21.65
C ASN A 30 10.58 -4.38 -22.08
N PRO A 31 10.35 -3.18 -21.50
CA PRO A 31 11.10 -1.98 -21.91
C PRO A 31 12.55 -1.98 -21.39
N GLY A 32 12.78 -2.42 -20.15
CA GLY A 32 14.09 -2.42 -19.49
C GLY A 32 14.40 -1.11 -18.79
N TYR A 33 13.48 -0.15 -18.84
CA TYR A 33 13.57 1.16 -18.13
C TYR A 33 12.29 1.39 -17.34
N LEU A 34 12.39 2.13 -16.22
CA LEU A 34 11.23 2.61 -15.42
C LEU A 34 10.44 3.63 -16.26
N LEU A 35 9.11 3.63 -16.16
CA LEU A 35 8.23 4.69 -16.72
C LEU A 35 8.03 5.76 -15.65
N SER A 36 8.33 7.02 -15.98
CA SER A 36 8.03 8.21 -15.12
C SER A 36 6.54 8.18 -14.78
N PRO A 37 6.16 8.14 -13.49
CA PRO A 37 4.77 7.95 -13.10
C PRO A 37 3.88 9.15 -13.47
N VAL A 38 2.59 8.88 -13.71
CA VAL A 38 1.56 9.89 -14.08
C VAL A 38 0.35 9.69 -13.15
N THR A 39 -0.22 10.79 -12.65
CA THR A 39 -1.53 10.84 -11.93
C THR A 39 -2.44 11.79 -12.71
N VAL A 40 -3.53 11.25 -13.27
CA VAL A 40 -4.41 11.96 -14.25
C VAL A 40 -5.09 13.15 -13.55
N GLN A 41 -4.74 14.37 -14.00
CA GLN A 41 -5.17 15.67 -13.40
C GLN A 41 -6.19 16.34 -14.33
N ARG A 42 -7.24 16.95 -13.76
CA ARG A 42 -8.40 17.50 -14.51
C ARG A 42 -8.00 18.81 -15.21
N ASN A 43 -8.74 19.18 -16.25
CA ASN A 43 -8.51 20.37 -17.13
C ASN A 43 -7.19 20.18 -17.90
N MET A 44 -6.90 18.94 -18.31
CA MET A 44 -5.69 18.54 -19.08
C MET A 44 -5.99 17.25 -19.86
N ALA A 49 -2.83 26.67 -18.80
CA ALA A 49 -1.55 26.77 -18.08
C ALA A 49 -0.40 26.32 -18.99
N SER A 50 0.78 26.94 -18.84
CA SER A 50 2.01 26.64 -19.61
C SER A 50 3.20 26.53 -18.65
N VAL A 51 4.33 26.00 -19.13
CA VAL A 51 5.58 25.80 -18.35
C VAL A 51 6.80 25.93 -19.26
N LYS A 52 7.93 26.35 -18.69
CA LYS A 52 9.27 26.31 -19.31
C LYS A 52 9.86 24.91 -19.09
N VAL A 53 10.23 24.22 -20.18
CA VAL A 53 10.94 22.90 -20.16
C VAL A 53 12.29 23.07 -20.85
N SER A 54 13.32 22.38 -20.35
CA SER A 54 14.72 22.43 -20.85
C SER A 54 15.13 21.03 -21.32
N ILE A 55 15.36 20.86 -22.63
CA ILE A 55 15.62 19.53 -23.26
C ILE A 55 17.04 19.51 -23.84
N GLU A 56 17.90 18.64 -23.30
CA GLU A 56 19.27 18.34 -23.83
C GLU A 56 19.12 17.56 -25.13
N ILE A 57 19.73 18.04 -26.22
CA ILE A 57 19.67 17.43 -27.57
C ILE A 57 21.08 17.00 -27.98
N GLU A 58 21.20 15.87 -28.69
CA GLU A 58 22.48 15.30 -29.17
C GLU A 58 23.11 16.24 -30.20
N GLY A 59 24.21 16.92 -29.83
CA GLY A 59 25.06 17.71 -30.73
C GLY A 59 24.89 19.21 -30.59
N LEU A 60 24.03 19.68 -29.65
CA LEU A 60 23.91 21.12 -29.29
C LEU A 60 24.64 21.36 -27.96
N GLN A 61 25.41 22.45 -27.88
CA GLN A 61 26.25 22.78 -26.71
C GLN A 61 25.36 23.13 -25.51
N LEU A 62 24.26 23.86 -25.74
CA LEU A 62 23.23 24.19 -24.72
C LEU A 62 21.94 23.45 -25.03
N PRO A 63 21.11 23.14 -24.00
CA PRO A 63 19.78 22.59 -24.24
C PRO A 63 18.79 23.65 -24.76
N VAL A 64 17.82 23.21 -25.57
CA VAL A 64 16.70 24.06 -26.06
C VAL A 64 15.73 24.29 -24.88
N THR A 65 15.33 25.55 -24.67
CA THR A 65 14.48 26.01 -23.55
C THR A 65 13.28 26.77 -24.14
N PHE A 66 12.08 26.18 -24.09
CA PHE A 66 10.83 26.74 -24.69
C PHE A 66 9.64 26.48 -23.76
N THR A 67 8.55 27.23 -23.99
CA THR A 67 7.28 27.12 -23.23
C THR A 67 6.40 26.06 -23.90
N CYS A 68 5.81 25.18 -23.09
CA CYS A 68 4.87 24.09 -23.51
C CYS A 68 3.56 24.26 -22.74
N ASP A 69 2.44 23.90 -23.38
CA ASP A 69 1.13 23.76 -22.70
C ASP A 69 1.17 22.46 -21.89
N VAL A 70 0.91 22.55 -20.57
CA VAL A 70 0.89 21.38 -19.64
C VAL A 70 -0.01 20.27 -20.20
N SER A 71 -1.01 20.64 -21.01
CA SER A 71 -2.03 19.72 -21.58
C SER A 71 -1.48 18.96 -22.81
N SER A 72 -0.44 19.48 -23.46
CA SER A 72 0.27 18.82 -24.59
C SER A 72 0.73 17.42 -24.17
N THR A 73 0.50 16.41 -25.02
CA THR A 73 1.04 15.03 -24.84
C THR A 73 2.55 15.07 -25.04
N VAL A 74 3.28 14.22 -24.31
CA VAL A 74 4.77 14.11 -24.40
C VAL A 74 5.16 13.89 -25.88
N GLU A 75 4.30 13.21 -26.65
CA GLU A 75 4.52 12.91 -28.08
C GLU A 75 4.79 14.21 -28.85
N ILE A 76 3.90 15.20 -28.75
CA ILE A 76 4.03 16.48 -29.51
C ILE A 76 5.14 17.32 -28.87
N ILE A 77 5.39 17.18 -27.57
CA ILE A 77 6.53 17.85 -26.85
C ILE A 77 7.84 17.40 -27.51
N ILE A 78 8.01 16.09 -27.71
CA ILE A 78 9.19 15.46 -28.39
C ILE A 78 9.38 16.15 -29.75
N MET A 79 8.29 16.38 -30.46
CA MET A 79 8.28 16.89 -31.86
C MET A 79 8.56 18.40 -31.87
N GLN A 80 7.90 19.15 -30.98
CA GLN A 80 8.21 20.59 -30.70
C GLN A 80 9.73 20.75 -30.55
N ALA A 81 10.36 19.83 -29.81
CA ALA A 81 11.81 19.83 -29.51
C ALA A 81 12.62 19.50 -30.77
N LEU A 82 12.12 18.62 -31.64
CA LEU A 82 12.76 18.27 -32.93
C LEU A 82 12.62 19.43 -33.92
N CYS A 83 11.51 20.19 -33.85
CA CYS A 83 11.24 21.37 -34.71
C CYS A 83 12.22 22.51 -34.40
N TRP A 84 12.85 22.49 -33.23
CA TRP A 84 13.81 23.53 -32.76
C TRP A 84 15.18 23.35 -33.44
N VAL A 85 15.46 22.17 -34.00
CA VAL A 85 16.76 21.86 -34.69
C VAL A 85 16.50 21.50 -36.16
N HIS A 86 15.34 20.91 -36.48
CA HIS A 86 14.97 20.45 -37.85
C HIS A 86 13.85 21.34 -38.42
N ASP A 87 13.93 21.69 -39.70
CA ASP A 87 12.94 22.53 -40.41
C ASP A 87 11.68 21.70 -40.67
N ASP A 88 11.80 20.62 -41.45
CA ASP A 88 10.71 19.63 -41.72
C ASP A 88 11.15 18.28 -41.16
N LEU A 89 10.19 17.45 -40.73
CA LEU A 89 10.41 16.19 -39.97
C LEU A 89 10.10 14.97 -40.83
N ASN A 90 10.33 15.06 -42.16
CA ASN A 90 10.19 13.93 -43.11
C ASN A 90 11.52 13.18 -43.22
N GLN A 91 12.60 13.75 -42.68
CA GLN A 91 13.98 13.19 -42.71
C GLN A 91 14.26 12.41 -41.41
N VAL A 92 13.55 12.74 -40.32
CA VAL A 92 13.76 12.16 -38.95
C VAL A 92 12.61 11.20 -38.64
N ASP A 93 12.92 10.09 -37.95
CA ASP A 93 11.92 9.10 -37.46
C ASP A 93 11.58 9.45 -36.00
N VAL A 94 10.42 10.08 -35.79
CA VAL A 94 10.00 10.66 -34.47
C VAL A 94 9.57 9.54 -33.52
N GLY A 95 9.12 8.40 -34.07
CA GLY A 95 8.71 7.20 -33.31
C GLY A 95 9.89 6.52 -32.61
N SER A 96 11.13 6.86 -33.01
CA SER A 96 12.39 6.29 -32.45
C SER A 96 12.80 7.04 -31.17
N TYR A 97 12.30 8.27 -30.98
CA TYR A 97 12.72 9.21 -29.91
C TYR A 97 11.83 9.09 -28.66
N ILE A 98 12.42 9.36 -27.49
CA ILE A 98 11.75 9.39 -26.16
C ILE A 98 12.28 10.60 -25.37
N LEU A 99 11.54 11.05 -24.36
CA LEU A 99 12.00 12.04 -23.35
C LEU A 99 12.22 11.33 -22.02
N LYS A 100 13.36 11.59 -21.38
CA LYS A 100 13.71 11.07 -20.02
C LYS A 100 13.97 12.27 -19.09
N VAL A 101 13.68 12.11 -17.80
CA VAL A 101 14.00 13.10 -16.74
C VAL A 101 15.53 13.14 -16.61
N CYS A 102 16.13 14.34 -16.56
CA CYS A 102 17.59 14.53 -16.43
C CYS A 102 18.05 14.01 -15.06
N GLY A 103 19.00 13.07 -15.05
CA GLY A 103 19.60 12.49 -13.84
C GLY A 103 18.87 11.26 -13.35
N GLN A 104 17.80 10.86 -14.04
CA GLN A 104 16.89 9.76 -13.62
C GLN A 104 16.64 8.82 -14.82
N GLU A 105 16.88 7.53 -14.64
CA GLU A 105 16.58 6.48 -15.65
C GLU A 105 15.06 6.28 -15.69
N GLU A 106 14.34 7.36 -16.02
CA GLU A 106 12.86 7.47 -16.09
C GLU A 106 12.48 7.99 -17.48
N VAL A 107 11.49 7.38 -18.13
CA VAL A 107 11.03 7.78 -19.49
C VAL A 107 9.59 8.30 -19.39
N LEU A 108 9.36 9.53 -19.87
CA LEU A 108 8.02 10.14 -19.97
C LEU A 108 7.18 9.32 -20.94
N GLN A 109 5.89 9.11 -20.61
CA GLN A 109 4.93 8.28 -21.38
C GLN A 109 4.31 9.16 -22.47
N ASN A 110 4.52 8.80 -23.74
CA ASN A 110 4.21 9.64 -24.94
C ASN A 110 2.76 10.13 -24.88
N ASN A 111 1.82 9.25 -24.56
CA ASN A 111 0.35 9.47 -24.79
C ASN A 111 -0.31 10.12 -23.56
N HIS A 112 0.48 10.59 -22.59
CA HIS A 112 -0.01 11.31 -21.39
C HIS A 112 0.36 12.80 -21.49
N CYS A 113 -0.48 13.69 -20.95
CA CYS A 113 -0.20 15.14 -20.85
C CYS A 113 1.12 15.32 -20.08
N LEU A 114 1.93 16.30 -20.48
CA LEU A 114 3.14 16.72 -19.74
C LEU A 114 2.76 16.95 -18.27
N GLY A 115 1.61 17.58 -18.02
CA GLY A 115 1.11 17.94 -16.67
C GLY A 115 0.66 16.75 -15.85
N SER A 116 0.33 15.62 -16.49
CA SER A 116 -0.08 14.36 -15.83
C SER A 116 1.10 13.75 -15.05
N HIS A 117 2.33 13.95 -15.52
CA HIS A 117 3.56 13.34 -14.98
C HIS A 117 3.88 13.88 -13.58
N GLU A 118 4.08 12.97 -12.62
CA GLU A 118 4.47 13.23 -11.21
C GLU A 118 5.64 14.23 -11.15
N HIS A 119 6.67 14.01 -11.96
CA HIS A 119 7.92 14.83 -11.99
C HIS A 119 7.59 16.27 -12.37
N ILE A 120 6.70 16.46 -13.36
CA ILE A 120 6.32 17.81 -13.88
C ILE A 120 5.62 18.60 -12.77
N GLN A 121 4.61 18.02 -12.12
CA GLN A 121 3.77 18.74 -11.10
C GLN A 121 4.58 18.93 -9.82
N ASN A 122 5.61 18.12 -9.56
CA ASN A 122 6.55 18.34 -8.42
C ASN A 122 7.41 19.58 -8.71
N CYS A 123 7.89 19.74 -9.95
CA CYS A 123 8.71 20.90 -10.39
C CYS A 123 7.90 22.19 -10.33
N ARG A 124 6.60 22.12 -10.65
CA ARG A 124 5.68 23.29 -10.64
C ARG A 124 5.45 23.71 -9.19
N LYS A 125 5.24 22.73 -8.30
CA LYS A 125 5.06 22.94 -6.84
C LYS A 125 6.24 23.74 -6.29
N TRP A 126 7.48 23.32 -6.57
CA TRP A 126 8.73 23.90 -5.99
C TRP A 126 9.28 25.03 -6.86
N ASP A 127 8.78 25.18 -8.09
CA ASP A 127 9.24 26.19 -9.09
C ASP A 127 10.70 25.91 -9.46
N THR A 128 11.06 24.63 -9.65
CA THR A 128 12.41 24.17 -10.10
C THR A 128 12.41 23.99 -11.62
N GLU A 129 13.57 24.17 -12.25
CA GLU A 129 13.79 23.94 -13.71
C GLU A 129 13.31 22.53 -14.07
N ILE A 130 12.39 22.42 -15.02
CA ILE A 130 12.04 21.13 -15.70
C ILE A 130 13.16 20.84 -16.71
N LYS A 131 14.06 19.92 -16.37
CA LYS A 131 15.20 19.51 -17.22
C LYS A 131 14.95 18.08 -17.71
N LEU A 132 14.57 17.94 -18.98
CA LEU A 132 14.44 16.63 -19.69
C LEU A 132 15.67 16.45 -20.59
N GLN A 133 15.82 15.24 -21.14
CA GLN A 133 16.84 14.91 -22.18
C GLN A 133 16.12 14.17 -23.33
N LEU A 134 16.38 14.58 -24.57
CA LEU A 134 15.86 13.91 -25.79
C LEU A 134 16.92 12.92 -26.29
N LEU A 135 16.49 11.70 -26.62
CA LEU A 135 17.37 10.61 -27.13
C LEU A 135 16.50 9.51 -27.74
N THR A 136 17.12 8.54 -28.41
CA THR A 136 16.47 7.39 -29.07
C THR A 136 16.36 6.22 -28.08
N LEU A 137 15.40 5.31 -28.29
CA LEU A 137 15.29 4.03 -27.54
C LEU A 137 16.66 3.34 -27.54
N SER A 138 17.36 3.41 -28.67
CA SER A 138 18.73 2.87 -28.92
C SER A 138 19.72 3.36 -27.85
N ALA A 139 19.66 4.65 -27.49
CA ALA A 139 20.63 5.32 -26.59
C ALA A 139 20.26 5.10 -25.11
N MET A 140 19.00 4.75 -24.83
CA MET A 140 18.44 4.66 -23.45
C MET A 140 18.92 3.36 -22.77
N CYS A 141 19.51 3.48 -21.57
CA CYS A 141 19.89 2.37 -20.67
C CYS A 141 18.73 1.39 -20.52
N GLN A 142 18.93 0.13 -20.93
CA GLN A 142 17.91 -0.96 -20.90
C GLN A 142 18.52 -2.18 -20.21
N ASN A 143 19.29 -1.97 -19.15
CA ASN A 143 20.13 -2.99 -18.48
C ASN A 143 19.26 -3.92 -17.60
N LEU A 144 17.96 -3.63 -17.46
CA LEU A 144 17.01 -4.44 -16.65
C LEU A 144 16.18 -5.37 -17.54
N ALA A 145 16.13 -5.11 -18.86
CA ALA A 145 15.28 -5.84 -19.84
C ALA A 145 15.51 -7.35 -19.73
N ARG A 146 14.45 -8.14 -19.87
CA ARG A 146 14.49 -9.62 -19.97
C ARG A 146 15.17 -10.01 -21.31
N THR A 147 15.88 -11.13 -21.32
CA THR A 147 16.66 -11.65 -22.49
C THR A 147 15.95 -12.89 -23.06
N ALA A 148 16.53 -13.49 -24.10
CA ALA A 148 16.11 -14.79 -24.67
C ALA A 148 16.26 -15.89 -23.60
N GLU A 149 17.40 -15.89 -22.91
CA GLU A 149 17.72 -16.83 -21.79
C GLU A 149 16.54 -16.88 -20.81
N ASP A 150 16.04 -15.71 -20.40
CA ASP A 150 15.01 -15.53 -19.34
C ASP A 150 13.71 -16.26 -19.72
N ASP A 151 13.21 -16.05 -20.95
CA ASP A 151 11.95 -16.65 -21.46
C ASP A 151 12.11 -18.17 -21.53
N GLU A 152 13.27 -18.65 -21.99
CA GLU A 152 13.55 -20.08 -22.24
C GLU A 152 13.88 -20.79 -20.92
N ALA A 153 14.30 -20.05 -19.89
CA ALA A 153 14.65 -20.59 -18.55
C ALA A 153 13.41 -21.15 -17.86
N PRO A 154 13.55 -22.18 -17.00
CA PRO A 154 12.43 -22.71 -16.25
C PRO A 154 12.14 -21.84 -15.01
N VAL A 155 11.11 -22.19 -14.25
CA VAL A 155 10.71 -21.47 -13.00
C VAL A 155 10.92 -22.41 -11.81
N ASP A 156 11.71 -21.97 -10.82
CA ASP A 156 11.90 -22.66 -9.51
C ASP A 156 12.00 -21.60 -8.41
N LEU A 157 11.47 -21.90 -7.23
CA LEU A 157 11.21 -20.92 -6.13
C LEU A 157 12.05 -21.30 -4.90
N ARG A 184 -9.65 -44.69 -4.84
CA ARG A 184 -9.65 -44.51 -6.33
C ARG A 184 -11.05 -44.12 -6.80
N ASN A 185 -12.10 -44.60 -6.13
CA ASN A 185 -13.51 -44.11 -6.29
C ASN A 185 -13.59 -42.64 -5.86
N ILE A 186 -14.61 -41.93 -6.35
CA ILE A 186 -14.82 -40.47 -6.10
C ILE A 186 -16.28 -40.26 -5.67
N LYS A 187 -16.48 -39.66 -4.48
CA LYS A 187 -17.81 -39.29 -3.92
C LYS A 187 -17.91 -37.77 -3.83
N GLU A 188 -18.88 -37.17 -4.54
CA GLU A 188 -19.09 -35.71 -4.57
C GLU A 188 -19.49 -35.22 -3.18
N ALA A 189 -18.90 -34.12 -2.71
CA ALA A 189 -18.95 -33.61 -1.32
C ALA A 189 -20.40 -33.33 -0.89
N TRP A 190 -21.25 -32.87 -1.82
CA TRP A 190 -22.66 -32.49 -1.54
C TRP A 190 -23.49 -33.72 -1.13
N THR A 191 -22.98 -34.94 -1.34
CA THR A 191 -23.62 -36.23 -0.97
C THR A 191 -23.01 -36.82 0.31
N ALA A 192 -21.84 -36.32 0.73
CA ALA A 192 -21.09 -36.83 1.90
C ALA A 192 -21.73 -36.32 3.20
N THR A 193 -22.32 -37.23 3.98
CA THR A 193 -23.09 -36.95 5.22
C THR A 193 -22.23 -37.22 6.46
N GLU A 194 -20.97 -37.65 6.25
CA GLU A 194 -19.99 -37.92 7.35
C GLU A 194 -19.74 -36.62 8.12
N GLN A 195 -19.70 -36.69 9.45
CA GLN A 195 -19.41 -35.56 10.35
C GLN A 195 -17.95 -35.13 10.16
N LEU A 196 -17.68 -33.83 10.00
CA LEU A 196 -16.28 -33.32 10.03
C LEU A 196 -15.71 -33.64 11.43
N GLN A 197 -14.78 -34.58 11.48
CA GLN A 197 -14.01 -34.93 12.69
C GLN A 197 -12.55 -35.17 12.28
N PHE A 198 -11.65 -35.06 13.25
CA PHE A 198 -10.19 -35.28 13.10
C PHE A 198 -9.62 -35.58 14.49
N THR A 199 -8.51 -36.30 14.55
CA THR A 199 -7.74 -36.54 15.80
C THR A 199 -6.57 -35.57 15.83
N VAL A 200 -6.54 -34.66 16.81
CA VAL A 200 -5.33 -33.87 17.16
C VAL A 200 -4.39 -34.82 17.92
N TYR A 201 -3.42 -35.41 17.21
CA TYR A 201 -2.55 -36.49 17.74
C TYR A 201 -1.53 -35.90 18.73
N ALA A 202 -0.54 -35.15 18.22
CA ALA A 202 0.60 -34.65 19.03
C ALA A 202 1.25 -33.43 18.36
N ALA A 203 2.06 -32.70 19.14
CA ALA A 203 3.03 -31.67 18.69
C ALA A 203 4.44 -32.10 19.12
N HIS A 204 5.40 -32.09 18.20
CA HIS A 204 6.77 -32.63 18.36
C HIS A 204 7.82 -31.52 18.17
N GLY A 205 8.83 -31.49 19.05
CA GLY A 205 9.97 -30.55 19.00
C GLY A 205 9.85 -29.43 20.02
N ILE A 206 9.18 -29.70 21.16
CA ILE A 206 8.95 -28.72 22.26
C ILE A 206 10.30 -28.24 22.78
N SER A 207 10.43 -26.92 23.04
CA SER A 207 11.66 -26.26 23.52
C SER A 207 11.94 -26.65 24.98
N SER A 208 13.21 -26.63 25.39
CA SER A 208 13.64 -26.72 26.82
C SER A 208 13.06 -25.52 27.59
N ASN A 209 12.96 -24.37 26.92
CA ASN A 209 12.33 -23.12 27.42
C ASN A 209 10.90 -23.41 27.89
N TRP A 210 10.13 -24.17 27.10
CA TRP A 210 8.68 -24.45 27.34
C TRP A 210 8.49 -25.40 28.52
N VAL A 211 9.39 -26.39 28.68
CA VAL A 211 9.28 -27.47 29.71
C VAL A 211 9.38 -26.84 31.11
N SER A 212 10.19 -25.79 31.25
CA SER A 212 10.40 -25.03 32.52
C SER A 212 9.14 -24.23 32.88
N ASN A 213 8.60 -23.48 31.92
CA ASN A 213 7.53 -22.47 32.12
C ASN A 213 6.17 -23.15 32.29
N TYR A 214 5.75 -23.95 31.30
CA TYR A 214 4.36 -24.45 31.13
C TYR A 214 4.25 -25.89 31.65
N GLU A 215 3.19 -26.16 32.42
CA GLU A 215 2.88 -27.49 33.02
C GLU A 215 2.17 -28.36 31.98
N LYS A 216 0.99 -27.93 31.54
CA LYS A 216 0.14 -28.64 30.54
C LYS A 216 -0.08 -27.72 29.33
N TYR A 217 -0.55 -28.29 28.22
CA TYR A 217 -0.82 -27.60 26.93
C TYR A 217 -2.19 -28.04 26.40
N TYR A 218 -2.89 -27.15 25.70
CA TYR A 218 -4.20 -27.44 25.06
C TYR A 218 -4.33 -26.65 23.75
N LEU A 219 -5.01 -27.25 22.77
CA LEU A 219 -5.35 -26.62 21.45
C LEU A 219 -6.77 -26.05 21.52
N ILE A 220 -7.01 -24.91 20.88
CA ILE A 220 -8.36 -24.34 20.61
C ILE A 220 -8.64 -24.46 19.10
N CYS A 221 -9.56 -25.34 18.72
CA CYS A 221 -9.90 -25.69 17.31
C CYS A 221 -11.11 -24.86 16.85
N SER A 222 -10.93 -24.03 15.82
CA SER A 222 -12.01 -23.21 15.20
C SER A 222 -12.14 -23.56 13.72
N LEU A 223 -13.39 -23.60 13.24
CA LEU A 223 -13.78 -23.77 11.82
C LEU A 223 -14.28 -22.42 11.30
N SER A 224 -13.69 -21.89 10.24
CA SER A 224 -13.98 -20.52 9.72
C SER A 224 -14.18 -20.55 8.20
N HIS A 225 -15.05 -19.67 7.70
CA HIS A 225 -15.23 -19.34 6.26
C HIS A 225 -15.64 -17.86 6.16
N ASN A 226 -15.17 -17.16 5.11
CA ASN A 226 -15.37 -15.69 4.93
C ASN A 226 -14.81 -14.96 6.16
N GLY A 227 -13.71 -15.46 6.73
CA GLY A 227 -12.98 -14.82 7.84
C GLY A 227 -13.74 -14.82 9.16
N LYS A 228 -14.82 -15.59 9.26
CA LYS A 228 -15.76 -15.62 10.42
C LYS A 228 -15.95 -17.08 10.86
N ASP A 229 -16.01 -17.34 12.16
CA ASP A 229 -16.21 -18.70 12.75
C ASP A 229 -17.59 -19.23 12.30
N LEU A 230 -17.66 -20.50 11.87
CA LEU A 230 -18.92 -21.18 11.48
C LEU A 230 -19.63 -21.71 12.73
N PHE A 231 -18.87 -22.05 13.77
CA PHE A 231 -19.39 -22.50 15.09
C PHE A 231 -18.46 -22.04 16.22
N LYS A 232 -18.96 -22.16 17.45
CA LYS A 232 -18.19 -22.08 18.72
C LYS A 232 -16.90 -22.87 18.56
N PRO A 233 -15.73 -22.30 18.93
CA PRO A 233 -14.47 -23.07 18.89
C PRO A 233 -14.48 -24.18 19.95
N ILE A 234 -13.80 -25.29 19.66
CA ILE A 234 -13.75 -26.50 20.52
C ILE A 234 -12.33 -26.63 21.09
N GLN A 235 -12.24 -26.81 22.42
CA GLN A 235 -10.98 -26.82 23.21
C GLN A 235 -10.58 -28.28 23.45
N SER A 236 -9.32 -28.63 23.18
CA SER A 236 -8.72 -29.95 23.49
C SER A 236 -8.64 -30.12 25.00
N LYS A 237 -8.47 -31.35 25.49
CA LYS A 237 -8.11 -31.64 26.90
C LYS A 237 -6.71 -31.06 27.14
N LYS A 238 -6.38 -30.72 28.38
CA LYS A 238 -5.07 -30.14 28.78
C LYS A 238 -4.14 -31.28 29.17
N VAL A 239 -3.03 -31.44 28.44
CA VAL A 239 -2.06 -32.58 28.62
C VAL A 239 -0.64 -32.01 28.78
N GLY A 240 0.17 -32.66 29.62
CA GLY A 240 1.61 -32.39 29.76
C GLY A 240 2.41 -33.09 28.68
N THR A 241 3.74 -33.00 28.74
CA THR A 241 4.67 -33.71 27.82
C THR A 241 4.58 -35.21 28.11
N TYR A 242 4.71 -36.04 27.07
CA TYR A 242 4.49 -37.51 27.11
C TYR A 242 5.56 -38.19 27.99
N LYS A 243 5.18 -39.29 28.64
CA LYS A 243 6.04 -40.08 29.56
C LYS A 243 7.34 -40.48 28.84
N ASN A 244 8.49 -40.15 29.43
CA ASN A 244 9.85 -40.47 28.92
C ASN A 244 10.11 -39.74 27.59
N ALA A 245 9.49 -38.58 27.37
CA ALA A 245 9.60 -37.77 26.11
C ALA A 245 9.20 -36.32 26.40
N ALA A 246 10.20 -35.47 26.67
CA ALA A 246 10.01 -34.06 27.12
C ALA A 246 9.85 -33.12 25.91
N TYR A 247 9.92 -33.65 24.69
CA TYR A 247 9.88 -32.90 23.42
C TYR A 247 8.53 -33.08 22.71
N LEU A 248 7.64 -33.92 23.26
CA LEU A 248 6.37 -34.36 22.62
C LEU A 248 5.20 -34.15 23.58
N ILE A 249 4.17 -33.41 23.14
CA ILE A 249 2.82 -33.37 23.78
C ILE A 249 1.90 -34.24 22.92
N LYS A 250 1.31 -35.29 23.51
CA LYS A 250 0.41 -36.24 22.81
C LYS A 250 -1.01 -36.13 23.41
N TRP A 251 -1.98 -35.69 22.60
CA TRP A 251 -3.42 -35.62 22.97
C TRP A 251 -4.12 -36.91 22.54
N ASP A 252 -3.84 -37.38 21.31
CA ASP A 252 -4.55 -38.51 20.64
C ASP A 252 -6.05 -38.38 20.94
N GLU A 253 -6.60 -37.17 20.78
CA GLU A 253 -8.01 -36.83 21.08
C GLU A 253 -8.79 -36.59 19.78
N LEU A 254 -9.95 -37.23 19.66
CA LEU A 254 -10.92 -37.05 18.54
C LEU A 254 -11.74 -35.78 18.80
N ILE A 255 -11.60 -34.77 17.92
CA ILE A 255 -12.45 -33.54 17.90
C ILE A 255 -13.54 -33.74 16.85
N ILE A 256 -14.80 -33.50 17.22
CA ILE A 256 -16.00 -33.65 16.34
C ILE A 256 -16.79 -32.33 16.34
N PHE A 257 -16.98 -31.73 15.16
CA PHE A 257 -17.76 -30.50 14.94
C PHE A 257 -19.20 -30.85 14.58
N PRO A 258 -20.18 -29.97 14.89
CA PRO A 258 -21.58 -30.19 14.50
C PRO A 258 -21.85 -29.78 13.05
N ILE A 259 -21.12 -30.37 12.10
CA ILE A 259 -21.27 -30.09 10.63
C ILE A 259 -20.88 -31.33 9.84
N GLN A 260 -21.51 -31.52 8.67
CA GLN A 260 -21.19 -32.60 7.70
C GLN A 260 -20.39 -32.00 6.54
N ILE A 261 -19.56 -32.83 5.90
CA ILE A 261 -18.71 -32.46 4.73
C ILE A 261 -19.58 -31.81 3.64
N SER A 262 -20.85 -32.19 3.54
CA SER A 262 -21.84 -31.64 2.56
C SER A 262 -22.15 -30.16 2.86
N GLN A 263 -22.03 -29.73 4.13
CA GLN A 263 -22.34 -28.35 4.58
C GLN A 263 -21.07 -27.47 4.56
N LEU A 264 -19.90 -28.04 4.27
CA LEU A 264 -18.60 -27.32 4.26
C LEU A 264 -18.50 -26.48 2.99
N PRO A 265 -18.36 -25.14 3.10
CA PRO A 265 -17.96 -24.32 1.95
C PRO A 265 -16.58 -24.78 1.46
N LEU A 266 -16.29 -24.61 0.17
CA LEU A 266 -14.99 -25.02 -0.44
C LEU A 266 -13.83 -24.39 0.34
N GLU A 267 -13.92 -23.11 0.67
CA GLU A 267 -12.79 -22.31 1.24
C GLU A 267 -12.76 -22.42 2.76
N SER A 268 -13.47 -23.42 3.33
CA SER A 268 -13.49 -23.69 4.79
C SER A 268 -12.05 -23.94 5.28
N VAL A 269 -11.69 -23.32 6.40
CA VAL A 269 -10.32 -23.40 7.01
C VAL A 269 -10.46 -23.84 8.47
N LEU A 270 -9.65 -24.83 8.88
CA LEU A 270 -9.50 -25.29 10.28
C LEU A 270 -8.32 -24.55 10.90
N HIS A 271 -8.54 -23.86 12.02
CA HIS A 271 -7.51 -23.12 12.80
C HIS A 271 -7.24 -23.86 14.12
N LEU A 272 -5.97 -24.10 14.44
CA LEU A 272 -5.53 -24.74 15.71
C LEU A 272 -4.53 -23.83 16.41
N THR A 273 -4.96 -23.17 17.48
CA THR A 273 -4.13 -22.28 18.34
C THR A 273 -3.71 -23.08 19.59
N LEU A 274 -2.41 -23.22 19.83
CA LEU A 274 -1.87 -23.96 20.99
C LEU A 274 -1.65 -22.99 22.16
N PHE A 275 -1.87 -23.48 23.39
CA PHE A 275 -1.83 -22.68 24.64
C PHE A 275 -1.04 -23.44 25.70
N GLY A 276 -0.16 -22.72 26.42
CA GLY A 276 0.60 -23.24 27.57
C GLY A 276 0.08 -22.64 28.87
N VAL A 277 -0.36 -23.50 29.80
CA VAL A 277 -0.79 -23.10 31.18
C VAL A 277 0.43 -23.21 32.09
N LEU A 278 0.93 -22.06 32.57
CA LEU A 278 2.12 -21.93 33.47
C LEU A 278 1.86 -22.69 34.78
N ASN A 279 2.91 -23.05 35.51
CA ASN A 279 2.82 -23.87 36.76
C ASN A 279 2.87 -22.97 37.99
N GLN A 280 4.06 -22.55 38.42
CA GLN A 280 4.32 -21.86 39.72
C GLN A 280 3.22 -20.83 40.00
N GLY A 294 -2.91 -16.58 33.61
CA GLY A 294 -3.74 -16.85 32.43
C GLY A 294 -3.00 -17.71 31.41
N PRO A 295 -3.68 -18.66 30.72
CA PRO A 295 -3.06 -19.42 29.63
C PRO A 295 -2.51 -18.53 28.51
N GLU A 296 -1.44 -18.96 27.85
CA GLU A 296 -0.54 -18.12 27.01
C GLU A 296 -0.46 -18.69 25.59
N ALA A 297 -0.82 -17.88 24.58
CA ALA A 297 -0.84 -18.24 23.15
C ALA A 297 0.58 -18.47 22.64
N LEU A 298 0.92 -19.72 22.28
CA LEU A 298 2.27 -20.14 21.85
C LEU A 298 2.37 -20.16 20.31
N GLY A 299 1.26 -20.38 19.60
CA GLY A 299 1.24 -20.36 18.12
C GLY A 299 -0.11 -20.80 17.55
N LYS A 300 -0.21 -20.79 16.22
CA LYS A 300 -1.44 -21.03 15.43
C LYS A 300 -1.05 -21.70 14.11
N VAL A 301 -1.74 -22.77 13.71
CA VAL A 301 -1.65 -23.36 12.34
C VAL A 301 -3.05 -23.28 11.69
N SER A 302 -3.07 -23.10 10.36
CA SER A 302 -4.30 -23.14 9.52
C SER A 302 -4.21 -24.32 8.55
N LEU A 303 -5.31 -25.07 8.40
CA LEU A 303 -5.43 -26.20 7.47
C LEU A 303 -6.68 -26.00 6.60
N THR A 304 -6.53 -26.05 5.28
CA THR A 304 -7.67 -25.98 4.33
C THR A 304 -8.26 -27.39 4.22
N LEU A 305 -9.54 -27.54 4.53
CA LEU A 305 -10.24 -28.85 4.57
C LEU A 305 -10.31 -29.43 3.16
N PHE A 306 -10.29 -28.57 2.13
CA PHE A 306 -10.14 -28.96 0.71
C PHE A 306 -8.80 -28.41 0.19
N ASP A 307 -8.04 -29.24 -0.53
CA ASP A 307 -6.77 -28.84 -1.21
C ASP A 307 -7.13 -28.15 -2.53
N PHE A 308 -6.11 -27.70 -3.27
CA PHE A 308 -6.24 -26.85 -4.49
C PHE A 308 -6.87 -27.62 -5.66
N LYS A 309 -7.12 -28.91 -5.52
CA LYS A 309 -7.78 -29.77 -6.54
C LYS A 309 -9.19 -30.18 -6.08
N ARG A 310 -9.66 -29.62 -4.97
CA ARG A 310 -11.06 -29.72 -4.46
C ARG A 310 -11.30 -31.06 -3.76
N PHE A 311 -10.26 -31.88 -3.53
CA PHE A 311 -10.33 -33.14 -2.76
C PHE A 311 -10.27 -32.80 -1.26
N LEU A 312 -11.13 -33.44 -0.46
CA LEU A 312 -11.18 -33.28 1.02
C LEU A 312 -9.87 -33.81 1.62
N THR A 313 -9.30 -33.09 2.60
CA THR A 313 -8.12 -33.53 3.39
C THR A 313 -8.44 -34.88 4.02
N CYS A 314 -7.57 -35.88 3.82
CA CYS A 314 -7.72 -37.26 4.34
C CYS A 314 -6.38 -37.81 4.83
N GLY A 315 -6.42 -38.64 5.86
CA GLY A 315 -5.24 -39.27 6.48
C GLY A 315 -4.51 -38.30 7.38
N THR A 316 -3.23 -38.58 7.66
CA THR A 316 -2.37 -37.80 8.56
C THR A 316 -1.85 -36.57 7.80
N LYS A 317 -2.09 -35.37 8.34
CA LYS A 317 -1.59 -34.09 7.79
C LYS A 317 -0.69 -33.44 8.84
N LEU A 318 0.45 -32.90 8.42
CA LEU A 318 1.48 -32.26 9.30
C LEU A 318 1.44 -30.75 9.09
N ALA A 319 1.36 -29.99 10.18
CA ALA A 319 1.33 -28.50 10.19
C ALA A 319 2.54 -28.00 10.99
N TYR A 320 3.20 -26.97 10.48
CA TYR A 320 4.41 -26.34 11.09
C TYR A 320 4.02 -24.98 11.68
N LEU A 321 4.16 -24.83 13.01
CA LEU A 321 4.00 -23.53 13.71
C LEU A 321 5.35 -23.14 14.33
N TRP A 322 5.78 -21.90 14.07
CA TRP A 322 7.09 -21.33 14.49
C TRP A 322 6.89 -20.50 15.76
N THR A 323 8.00 -20.15 16.43
CA THR A 323 8.02 -19.41 17.72
C THR A 323 9.07 -18.30 17.65
N SER A 324 10.34 -18.65 17.40
CA SER A 324 11.48 -17.71 17.25
C SER A 324 11.89 -17.61 15.78
N GLU A 342 12.72 -21.50 15.76
CA GLU A 342 12.38 -22.90 16.13
C GLU A 342 11.10 -23.34 15.40
N ARG A 343 11.04 -24.63 15.02
CA ARG A 343 9.91 -25.26 14.28
C ARG A 343 9.33 -26.41 15.11
N ILE A 344 8.06 -26.29 15.53
CA ILE A 344 7.24 -27.41 16.09
C ILE A 344 6.49 -28.05 14.93
N VAL A 345 6.20 -29.35 15.03
CA VAL A 345 5.39 -30.11 14.03
C VAL A 345 4.13 -30.63 14.73
N LEU A 346 2.96 -30.18 14.27
CA LEU A 346 1.62 -30.59 14.79
C LEU A 346 1.07 -31.66 13.85
N GLN A 347 0.70 -32.84 14.39
CA GLN A 347 0.06 -33.92 13.62
C GLN A 347 -1.44 -33.94 13.95
N VAL A 348 -2.29 -33.71 12.94
CA VAL A 348 -3.76 -33.96 13.01
C VAL A 348 -4.10 -35.04 11.99
N ASP A 349 -4.79 -36.09 12.43
CA ASP A 349 -5.17 -37.28 11.63
C ASP A 349 -6.63 -37.15 11.21
N PHE A 350 -6.87 -37.01 9.90
CA PHE A 350 -8.23 -36.97 9.28
C PHE A 350 -8.64 -38.40 8.92
N PRO A 351 -9.95 -38.71 8.88
CA PRO A 351 -10.41 -40.03 8.42
C PRO A 351 -9.83 -40.40 7.06
N SER A 352 -9.76 -41.70 6.76
CA SER A 352 -9.09 -42.27 5.56
C SER A 352 -10.00 -43.32 4.93
N PRO A 353 -11.20 -42.94 4.45
CA PRO A 353 -12.13 -43.89 3.84
C PRO A 353 -11.56 -44.51 2.55
N ALA A 354 -12.22 -45.54 2.02
CA ALA A 354 -11.80 -46.29 0.81
C ALA A 354 -11.93 -45.43 -0.45
N PHE A 355 -12.52 -44.24 -0.33
CA PHE A 355 -12.94 -43.36 -1.45
C PHE A 355 -12.50 -41.92 -1.18
N ASP A 356 -12.03 -41.22 -2.22
CA ASP A 356 -11.70 -39.77 -2.19
C ASP A 356 -13.01 -38.98 -2.26
N ILE A 357 -13.14 -37.92 -1.49
CA ILE A 357 -14.29 -36.97 -1.55
C ILE A 357 -13.81 -35.70 -2.26
N ILE A 358 -14.55 -35.24 -3.28
CA ILE A 358 -14.23 -34.03 -4.09
C ILE A 358 -15.41 -33.04 -4.00
N TYR A 359 -15.10 -31.75 -3.82
CA TYR A 359 -16.09 -30.64 -3.86
C TYR A 359 -16.46 -30.38 -5.33
N THR A 360 -17.75 -30.41 -5.64
CA THR A 360 -18.34 -30.03 -6.95
C THR A 360 -19.33 -28.89 -6.73
N SER A 361 -19.04 -27.70 -7.26
CA SER A 361 -19.95 -26.52 -7.26
C SER A 361 -21.30 -26.91 -7.86
N PRO A 362 -22.41 -26.21 -7.54
CA PRO A 362 -23.71 -26.57 -8.08
C PRO A 362 -23.76 -26.31 -9.58
N GLN A 363 -24.55 -27.09 -10.33
CA GLN A 363 -24.70 -26.96 -11.80
C GLN A 363 -25.18 -25.54 -12.13
N ILE A 364 -24.66 -24.97 -13.22
CA ILE A 364 -24.79 -23.54 -13.61
C ILE A 364 -26.28 -23.25 -13.81
N ASP A 365 -26.79 -22.17 -13.22
CA ASP A 365 -28.20 -21.72 -13.34
C ASP A 365 -28.28 -20.60 -14.38
N ARG A 366 -28.78 -20.92 -15.59
CA ARG A 366 -28.91 -19.95 -16.70
C ARG A 366 -30.28 -19.24 -16.60
N ASN A 367 -30.26 -17.95 -16.31
CA ASN A 367 -31.45 -17.05 -16.24
C ASN A 367 -31.09 -15.72 -16.90
N ILE A 368 -32.10 -14.97 -17.35
CA ILE A 368 -31.93 -13.65 -18.04
C ILE A 368 -32.96 -12.67 -17.45
N ILE A 369 -32.69 -12.18 -16.23
CA ILE A 369 -33.51 -11.18 -15.50
C ILE A 369 -33.05 -9.79 -15.93
N LYS A 373 -35.68 -8.20 -15.30
CA LYS A 373 -35.33 -6.79 -15.60
C LYS A 373 -36.60 -5.93 -15.51
N LEU A 374 -37.77 -6.49 -15.83
CA LEU A 374 -39.10 -5.86 -15.59
C LEU A 374 -39.90 -6.72 -14.59
N GLU A 375 -40.03 -6.24 -13.35
CA GLU A 375 -40.85 -6.84 -12.25
C GLU A 375 -41.66 -5.74 -11.57
N THR A 376 -42.34 -6.07 -10.46
CA THR A 376 -43.24 -5.14 -9.71
C THR A 376 -42.44 -3.94 -9.19
N LEU A 377 -42.86 -2.73 -9.60
CA LEU A 377 -42.20 -1.43 -9.30
C LEU A 377 -43.07 -0.65 -8.30
N GLU A 378 -42.69 -0.64 -7.01
CA GLU A 378 -43.44 0.04 -5.91
C GLU A 378 -42.64 1.25 -5.42
N SER A 379 -43.32 2.39 -5.24
CA SER A 379 -42.72 3.75 -5.10
C SER A 379 -41.98 3.90 -3.77
N ASP A 380 -42.70 3.80 -2.64
CA ASP A 380 -42.19 4.11 -1.27
C ASP A 380 -40.85 3.37 -1.04
N ILE A 381 -40.84 2.04 -1.19
CA ILE A 381 -39.67 1.15 -0.89
C ILE A 381 -38.57 1.37 -1.94
N LYS A 382 -38.88 1.93 -3.11
CA LYS A 382 -37.89 2.23 -4.18
C LYS A 382 -36.90 3.30 -3.71
N GLY A 383 -37.33 4.18 -2.80
CA GLY A 383 -36.50 5.25 -2.22
C GLY A 383 -35.66 4.76 -1.06
N LYS A 384 -36.15 3.75 -0.32
CA LYS A 384 -35.47 3.14 0.86
C LYS A 384 -34.39 2.18 0.35
N LEU A 385 -34.55 1.67 -0.88
CA LEU A 385 -33.53 0.90 -1.62
C LEU A 385 -32.45 1.87 -2.15
N LEU A 386 -32.88 2.94 -2.82
CA LEU A 386 -31.98 4.00 -3.38
C LEU A 386 -31.14 4.62 -2.26
N ASP A 387 -31.73 4.82 -1.07
CA ASP A 387 -31.06 5.42 0.12
C ASP A 387 -29.97 4.47 0.61
N ILE A 388 -30.24 3.16 0.60
CA ILE A 388 -29.28 2.09 1.01
C ILE A 388 -28.22 1.93 -0.09
N ILE A 389 -28.62 1.87 -1.37
CA ILE A 389 -27.69 1.78 -2.54
C ILE A 389 -26.64 2.89 -2.42
N HIS A 390 -27.07 4.12 -2.12
CA HIS A 390 -26.23 5.35 -2.11
C HIS A 390 -25.62 5.60 -0.73
N ARG A 391 -25.79 4.66 0.22
CA ARG A 391 -25.15 4.72 1.57
C ARG A 391 -23.62 4.68 1.37
N ASP A 392 -22.88 5.36 2.26
CA ASP A 392 -21.41 5.60 2.17
C ASP A 392 -20.66 4.30 1.87
N SER A 393 -20.99 3.22 2.58
CA SER A 393 -20.27 1.91 2.56
C SER A 393 -21.18 0.80 3.09
N SER A 394 -20.69 -0.44 3.04
CA SER A 394 -21.33 -1.64 3.64
C SER A 394 -21.22 -1.58 5.17
N PHE A 395 -20.24 -0.83 5.68
CA PHE A 395 -19.83 -0.81 7.11
C PHE A 395 -21.01 -0.39 8.00
N GLY A 396 -21.35 -1.26 8.97
CA GLY A 396 -22.34 -1.01 10.04
C GLY A 396 -23.77 -1.14 9.57
N LEU A 397 -24.01 -1.77 8.41
CA LEU A 397 -25.36 -1.91 7.81
C LEU A 397 -26.18 -2.90 8.64
N SER A 398 -27.36 -2.49 9.11
CA SER A 398 -28.20 -3.22 10.10
C SER A 398 -28.76 -4.50 9.49
N LYS A 399 -29.11 -5.46 10.35
CA LYS A 399 -29.69 -6.79 9.99
C LYS A 399 -30.90 -6.62 9.05
N GLU A 400 -31.75 -5.61 9.29
CA GLU A 400 -33.01 -5.38 8.54
C GLU A 400 -32.68 -4.85 7.13
N ASP A 401 -31.75 -3.89 7.04
CA ASP A 401 -31.33 -3.24 5.76
C ASP A 401 -30.73 -4.30 4.83
N LYS A 402 -30.06 -5.31 5.38
CA LYS A 402 -29.45 -6.45 4.62
C LYS A 402 -30.55 -7.31 4.00
N VAL A 403 -31.54 -7.75 4.79
CA VAL A 403 -32.64 -8.66 4.36
C VAL A 403 -33.47 -7.97 3.27
N PHE A 404 -33.71 -6.66 3.43
CA PHE A 404 -34.50 -5.82 2.49
C PHE A 404 -33.77 -5.69 1.15
N LEU A 405 -32.47 -5.36 1.19
CA LEU A 405 -31.61 -5.22 -0.02
C LEU A 405 -31.52 -6.58 -0.73
N TRP A 406 -31.31 -7.65 0.02
CA TRP A 406 -31.11 -9.03 -0.51
C TRP A 406 -32.31 -9.46 -1.37
N GLU A 407 -33.53 -9.17 -0.91
CA GLU A 407 -34.79 -9.57 -1.59
C GLU A 407 -35.02 -8.68 -2.83
N ASN A 408 -34.41 -7.48 -2.86
CA ASN A 408 -34.51 -6.49 -3.97
C ASN A 408 -33.18 -6.41 -4.73
N ARG A 409 -32.38 -7.48 -4.72
CA ARG A 409 -30.98 -7.47 -5.26
C ARG A 409 -31.00 -7.30 -6.78
N TYR A 410 -32.01 -7.86 -7.47
CA TYR A 410 -32.11 -7.89 -8.95
C TYR A 410 -32.65 -6.56 -9.49
N TYR A 411 -32.98 -5.60 -8.62
CA TYR A 411 -33.40 -4.22 -8.98
C TYR A 411 -32.19 -3.27 -9.00
N CYS A 412 -30.99 -3.76 -8.62
CA CYS A 412 -29.77 -2.95 -8.39
C CYS A 412 -28.76 -3.13 -9.54
N LEU A 413 -29.19 -3.61 -10.71
CA LEU A 413 -28.29 -4.00 -11.83
C LEU A 413 -27.80 -2.77 -12.61
N LYS A 414 -28.30 -1.56 -12.30
CA LYS A 414 -27.84 -0.30 -12.92
C LYS A 414 -27.07 0.53 -11.87
N HIS A 415 -26.53 -0.14 -10.84
CA HIS A 415 -25.63 0.43 -9.80
C HIS A 415 -24.54 -0.59 -9.45
N PRO A 416 -23.61 -0.89 -10.38
CA PRO A 416 -22.63 -1.97 -10.18
C PRO A 416 -21.83 -1.92 -8.85
N ASN A 417 -21.48 -0.71 -8.39
CA ASN A 417 -20.53 -0.50 -7.26
C ASN A 417 -21.19 -0.77 -5.91
N CYS A 418 -22.42 -1.31 -5.88
CA CYS A 418 -23.16 -1.67 -4.64
C CYS A 418 -23.14 -3.20 -4.41
N LEU A 419 -22.63 -3.99 -5.36
CA LEU A 419 -22.60 -5.48 -5.27
C LEU A 419 -21.99 -5.91 -3.94
N PRO A 420 -20.83 -5.35 -3.51
CA PRO A 420 -20.28 -5.64 -2.18
C PRO A 420 -21.28 -5.53 -1.00
N LYS A 421 -22.21 -4.56 -1.06
CA LYS A 421 -23.29 -4.40 -0.05
C LYS A 421 -24.27 -5.58 -0.15
N ILE A 422 -24.50 -6.09 -1.36
CA ILE A 422 -25.44 -7.22 -1.66
C ILE A 422 -24.86 -8.52 -1.10
N LEU A 423 -23.57 -8.79 -1.34
CA LEU A 423 -22.91 -10.06 -0.94
C LEU A 423 -22.70 -10.07 0.59
N ALA A 424 -22.53 -8.89 1.19
CA ALA A 424 -22.41 -8.68 2.66
C ALA A 424 -23.76 -8.93 3.33
N SER A 425 -24.84 -8.85 2.55
CA SER A 425 -26.26 -9.00 3.01
C SER A 425 -26.84 -10.32 2.50
N ALA A 426 -25.98 -11.29 2.14
CA ALA A 426 -26.37 -12.69 1.88
C ALA A 426 -26.84 -13.30 3.20
N PRO A 427 -27.89 -14.16 3.21
CA PRO A 427 -28.31 -14.85 4.43
C PRO A 427 -27.24 -15.83 4.91
N ASN A 428 -26.51 -16.44 3.97
CA ASN A 428 -25.48 -17.49 4.22
C ASN A 428 -24.78 -17.84 2.89
N TRP A 429 -23.79 -18.74 2.96
CA TRP A 429 -23.06 -19.29 1.79
C TRP A 429 -23.23 -20.82 1.77
N LYS A 430 -24.46 -21.29 1.98
CA LYS A 430 -24.84 -22.72 1.92
C LYS A 430 -24.79 -23.19 0.47
N TRP A 431 -24.33 -24.42 0.25
CA TRP A 431 -24.04 -25.00 -1.09
C TRP A 431 -25.27 -24.86 -2.02
N ALA A 432 -26.48 -25.01 -1.49
CA ALA A 432 -27.76 -24.96 -2.23
C ALA A 432 -27.97 -23.56 -2.82
N ASN A 433 -27.70 -22.51 -2.04
CA ASN A 433 -28.05 -21.10 -2.36
C ASN A 433 -26.92 -20.45 -3.20
N LEU A 434 -25.83 -21.17 -3.47
CA LEU A 434 -24.68 -20.65 -4.26
C LEU A 434 -25.11 -20.43 -5.72
N ALA A 435 -25.79 -21.41 -6.32
CA ALA A 435 -26.21 -21.43 -7.74
C ALA A 435 -26.86 -20.09 -8.12
N LYS A 436 -27.72 -19.54 -7.23
CA LYS A 436 -28.51 -18.31 -7.50
C LYS A 436 -27.66 -17.06 -7.21
N THR A 437 -26.62 -17.17 -6.38
CA THR A 437 -25.60 -16.11 -6.15
C THR A 437 -24.69 -16.03 -7.39
N TYR A 438 -24.21 -17.18 -7.88
CA TYR A 438 -23.34 -17.30 -9.08
C TYR A 438 -24.08 -16.78 -10.31
N SER A 439 -25.37 -17.11 -10.45
CA SER A 439 -26.24 -16.69 -11.58
C SER A 439 -26.35 -15.16 -11.63
N LEU A 440 -26.49 -14.50 -10.47
CA LEU A 440 -26.50 -13.02 -10.36
C LEU A 440 -25.15 -12.47 -10.83
N LEU A 441 -24.05 -13.01 -10.30
CA LEU A 441 -22.65 -12.48 -10.48
C LEU A 441 -22.28 -12.46 -11.96
N HIS A 442 -22.63 -13.49 -12.72
CA HIS A 442 -22.15 -13.70 -14.13
C HIS A 442 -22.99 -12.88 -15.13
N GLN A 443 -24.11 -12.29 -14.69
CA GLN A 443 -24.92 -11.35 -15.51
C GLN A 443 -24.77 -9.93 -14.95
N TRP A 444 -23.92 -9.75 -13.93
CA TRP A 444 -23.72 -8.46 -13.21
C TRP A 444 -22.76 -7.57 -13.99
N PRO A 445 -23.02 -6.24 -14.08
CA PRO A 445 -22.15 -5.33 -14.84
C PRO A 445 -20.79 -5.12 -14.19
N PRO A 446 -19.73 -4.82 -14.97
CA PRO A 446 -18.38 -4.68 -14.40
C PRO A 446 -18.26 -3.56 -13.35
N LEU A 447 -17.68 -3.91 -12.20
CA LEU A 447 -17.34 -2.97 -11.08
C LEU A 447 -16.21 -2.05 -11.55
N CYS A 448 -16.09 -0.86 -10.94
CA CYS A 448 -14.91 0.02 -11.09
C CYS A 448 -13.80 -0.56 -10.22
N PRO A 449 -12.52 -0.58 -10.70
CA PRO A 449 -11.45 -1.29 -9.99
C PRO A 449 -11.36 -1.02 -8.48
N LEU A 450 -11.52 0.23 -8.05
CA LEU A 450 -11.39 0.66 -6.63
C LEU A 450 -12.57 0.12 -5.81
N ALA A 451 -13.72 -0.10 -6.44
CA ALA A 451 -14.94 -0.67 -5.82
C ALA A 451 -14.68 -2.15 -5.48
N ALA A 452 -14.00 -2.87 -6.39
CA ALA A 452 -13.79 -4.33 -6.34
C ALA A 452 -12.75 -4.71 -5.28
N LEU A 453 -11.91 -3.76 -4.84
CA LEU A 453 -10.96 -3.95 -3.71
C LEU A 453 -11.67 -4.67 -2.55
N GLU A 454 -12.88 -4.23 -2.23
CA GLU A 454 -13.71 -4.73 -1.10
C GLU A 454 -13.93 -6.24 -1.23
N LEU A 455 -14.04 -6.74 -2.47
CA LEU A 455 -14.35 -8.17 -2.79
C LEU A 455 -13.07 -9.03 -2.74
N LEU A 456 -11.93 -8.46 -2.31
CA LEU A 456 -10.67 -9.21 -2.06
C LEU A 456 -10.32 -9.17 -0.58
N ASP A 457 -11.24 -8.71 0.28
CA ASP A 457 -11.03 -8.64 1.75
C ASP A 457 -11.42 -9.98 2.38
N ALA A 458 -11.08 -10.17 3.65
CA ALA A 458 -11.37 -11.38 4.47
C ALA A 458 -12.82 -11.83 4.29
N LYS A 459 -13.75 -10.88 4.22
CA LYS A 459 -15.23 -11.09 4.29
C LYS A 459 -15.73 -11.91 3.09
N PHE A 460 -14.96 -11.99 1.99
CA PHE A 460 -15.35 -12.70 0.75
C PHE A 460 -14.24 -13.68 0.35
N ALA A 461 -14.40 -14.94 0.75
CA ALA A 461 -13.43 -16.05 0.50
C ALA A 461 -13.77 -16.77 -0.81
N ASP A 462 -15.04 -16.80 -1.21
CA ASP A 462 -15.55 -17.53 -2.40
C ASP A 462 -14.68 -17.20 -3.62
N GLN A 463 -14.23 -18.23 -4.36
CA GLN A 463 -13.25 -18.09 -5.47
C GLN A 463 -13.89 -17.40 -6.68
N GLU A 464 -15.20 -17.61 -6.92
CA GLU A 464 -15.93 -17.00 -8.06
C GLU A 464 -16.04 -15.48 -7.83
N VAL A 465 -16.35 -15.06 -6.60
CA VAL A 465 -16.45 -13.64 -6.17
C VAL A 465 -15.09 -12.97 -6.39
N ARG A 466 -14.02 -13.61 -5.94
CA ARG A 466 -12.64 -13.06 -5.93
C ARG A 466 -12.05 -13.05 -7.35
N SER A 467 -12.33 -14.09 -8.13
CA SER A 467 -11.89 -14.21 -9.56
C SER A 467 -12.53 -13.10 -10.40
N LEU A 468 -13.83 -12.84 -10.19
CA LEU A 468 -14.57 -11.71 -10.80
C LEU A 468 -13.94 -10.38 -10.37
N ALA A 469 -13.71 -10.21 -9.05
CA ALA A 469 -13.11 -9.00 -8.45
C ALA A 469 -11.79 -8.66 -9.16
N VAL A 470 -10.99 -9.68 -9.48
CA VAL A 470 -9.67 -9.54 -10.17
C VAL A 470 -9.89 -9.19 -11.64
N SER A 471 -10.89 -9.81 -12.29
CA SER A 471 -11.20 -9.62 -13.74
C SER A 471 -11.65 -8.17 -13.98
N TRP A 472 -12.45 -7.61 -13.07
CA TRP A 472 -12.87 -6.18 -13.09
C TRP A 472 -11.65 -5.27 -12.85
N MET A 473 -10.69 -5.74 -12.05
CA MET A 473 -9.47 -4.98 -11.64
C MET A 473 -8.50 -4.82 -12.82
N GLU A 474 -8.61 -5.66 -13.86
CA GLU A 474 -7.73 -5.62 -15.06
C GLU A 474 -7.86 -4.25 -15.74
N ALA A 475 -9.00 -3.58 -15.56
CA ALA A 475 -9.28 -2.20 -16.05
C ALA A 475 -8.20 -1.23 -15.56
N ILE A 476 -7.79 -1.36 -14.29
CA ILE A 476 -6.95 -0.35 -13.57
C ILE A 476 -5.64 -0.11 -14.33
N SER A 477 -5.21 1.15 -14.39
CA SER A 477 -3.89 1.58 -14.93
C SER A 477 -2.78 1.05 -14.01
N ASP A 478 -1.55 0.98 -14.53
CA ASP A 478 -0.35 0.58 -13.74
C ASP A 478 0.00 1.69 -12.74
N ASP A 479 -0.28 2.95 -13.08
CA ASP A 479 0.07 4.13 -12.26
C ASP A 479 -0.81 4.18 -11.01
N GLU A 480 -2.08 3.81 -11.13
CA GLU A 480 -3.04 3.75 -9.99
C GLU A 480 -2.70 2.54 -9.11
N LEU A 481 -2.47 1.38 -9.73
CA LEU A 481 -2.13 0.11 -9.04
C LEU A 481 -0.86 0.29 -8.21
N ALA A 482 0.13 1.00 -8.76
CA ALA A 482 1.48 1.21 -8.17
C ALA A 482 1.37 1.60 -6.69
N ASP A 483 0.46 2.53 -6.36
CA ASP A 483 0.33 3.10 -4.99
C ASP A 483 -0.65 2.27 -4.14
N LEU A 484 -1.34 1.28 -4.74
CA LEU A 484 -2.33 0.44 -4.03
C LEU A 484 -1.73 -0.93 -3.65
N LEU A 485 -0.48 -1.21 -4.02
CA LEU A 485 0.13 -2.57 -3.94
C LEU A 485 0.16 -3.09 -2.50
N PRO A 486 0.52 -2.29 -1.47
CA PRO A 486 0.59 -2.79 -0.10
C PRO A 486 -0.68 -3.56 0.30
N GLN A 487 -1.85 -2.99 -0.02
CA GLN A 487 -3.19 -3.58 0.25
C GLN A 487 -3.36 -4.90 -0.52
N PHE A 488 -2.88 -4.96 -1.76
CA PHE A 488 -2.98 -6.15 -2.66
C PHE A 488 -2.11 -7.29 -2.12
N VAL A 489 -0.93 -6.97 -1.59
CA VAL A 489 0.03 -7.95 -1.01
C VAL A 489 -0.64 -8.63 0.19
N GLN A 490 -1.32 -7.85 1.04
CA GLN A 490 -2.00 -8.34 2.27
C GLN A 490 -3.20 -9.22 1.88
N ALA A 491 -3.85 -8.90 0.75
CA ALA A 491 -5.04 -9.63 0.24
C ALA A 491 -4.65 -11.08 -0.16
N LEU A 492 -3.36 -11.35 -0.37
CA LEU A 492 -2.85 -12.72 -0.64
C LEU A 492 -3.15 -13.63 0.56
N LYS A 493 -3.19 -13.08 1.78
CA LYS A 493 -3.46 -13.82 3.05
C LYS A 493 -4.91 -14.35 3.07
N TYR A 494 -5.78 -13.86 2.19
CA TYR A 494 -7.21 -14.27 2.12
C TYR A 494 -7.44 -15.22 0.93
N GLU A 495 -6.39 -15.50 0.16
CA GLU A 495 -6.34 -16.62 -0.82
C GLU A 495 -5.80 -17.85 -0.09
N ILE A 496 -6.65 -18.85 0.17
CA ILE A 496 -6.27 -20.10 0.90
C ILE A 496 -5.27 -20.90 0.06
N TYR A 497 -5.37 -20.82 -1.28
CA TYR A 497 -4.52 -21.57 -2.25
C TYR A 497 -3.43 -20.66 -2.82
N LEU A 498 -2.30 -21.25 -3.20
CA LEU A 498 -1.07 -20.56 -3.67
C LEU A 498 -1.32 -19.98 -5.07
N ASN A 499 -1.67 -20.82 -6.04
CA ASN A 499 -2.13 -20.39 -7.39
C ASN A 499 -3.51 -19.74 -7.22
N SER A 500 -3.69 -18.53 -7.76
CA SER A 500 -4.96 -17.74 -7.62
C SER A 500 -4.99 -16.64 -8.67
N SER A 501 -6.20 -16.26 -9.09
CA SER A 501 -6.48 -15.10 -10.00
C SER A 501 -5.67 -13.88 -9.55
N LEU A 502 -5.62 -13.62 -8.23
CA LEU A 502 -4.98 -12.40 -7.64
C LEU A 502 -3.47 -12.43 -7.83
N VAL A 503 -2.78 -13.50 -7.41
CA VAL A 503 -1.29 -13.58 -7.42
C VAL A 503 -0.81 -13.56 -8.89
N ARG A 504 -1.56 -14.17 -9.81
CA ARG A 504 -1.26 -14.18 -11.26
C ARG A 504 -1.41 -12.76 -11.83
N PHE A 505 -2.46 -12.03 -11.42
CA PHE A 505 -2.69 -10.61 -11.77
C PHE A 505 -1.47 -9.78 -11.34
N LEU A 506 -1.06 -9.91 -10.08
CA LEU A 506 0.09 -9.16 -9.49
C LEU A 506 1.39 -9.49 -10.25
N LEU A 507 1.70 -10.77 -10.44
CA LEU A 507 2.92 -11.23 -11.15
C LEU A 507 2.90 -10.73 -12.60
N SER A 508 1.74 -10.81 -13.27
CA SER A 508 1.53 -10.37 -14.68
C SER A 508 1.75 -8.85 -14.80
N ARG A 509 1.30 -8.05 -13.83
CA ARG A 509 1.47 -6.58 -13.83
C ARG A 509 2.95 -6.23 -13.60
N ALA A 510 3.64 -7.00 -12.75
CA ALA A 510 5.08 -6.82 -12.45
C ALA A 510 5.93 -7.12 -13.69
N LEU A 511 5.56 -8.15 -14.44
CA LEU A 511 6.21 -8.53 -15.73
C LEU A 511 6.17 -7.33 -16.69
N GLY A 512 5.00 -6.70 -16.82
CA GLY A 512 4.74 -5.64 -17.83
C GLY A 512 5.11 -4.24 -17.36
N ASN A 513 5.61 -4.08 -16.13
CA ASN A 513 5.96 -2.76 -15.54
C ASN A 513 6.98 -2.94 -14.42
N ILE A 514 8.11 -2.24 -14.51
CA ILE A 514 9.31 -2.46 -13.65
C ILE A 514 9.12 -1.79 -12.27
N GLN A 515 8.44 -0.64 -12.20
CA GLN A 515 8.14 0.07 -10.93
C GLN A 515 7.28 -0.83 -10.03
N ILE A 516 6.32 -1.54 -10.64
CA ILE A 516 5.38 -2.46 -9.94
C ILE A 516 6.15 -3.67 -9.42
N ALA A 517 6.96 -4.32 -10.27
CA ALA A 517 7.85 -5.44 -9.89
C ALA A 517 8.73 -5.03 -8.71
N HIS A 518 9.36 -3.86 -8.82
CA HIS A 518 10.31 -3.31 -7.82
C HIS A 518 9.58 -3.14 -6.48
N SER A 519 8.43 -2.46 -6.48
CA SER A 519 7.61 -2.18 -5.26
C SER A 519 7.12 -3.49 -4.65
N LEU A 520 6.70 -4.45 -5.50
CA LEU A 520 6.24 -5.80 -5.05
C LEU A 520 7.37 -6.49 -4.29
N TYR A 521 8.60 -6.47 -4.84
CA TYR A 521 9.80 -7.09 -4.23
C TYR A 521 9.91 -6.67 -2.76
N TRP A 522 9.93 -5.36 -2.50
CA TRP A 522 10.17 -4.76 -1.15
C TRP A 522 8.97 -5.04 -0.24
N LEU A 523 7.75 -5.02 -0.78
CA LEU A 523 6.51 -5.31 -0.02
C LEU A 523 6.49 -6.79 0.39
N LEU A 524 6.83 -7.69 -0.54
CA LEU A 524 6.83 -9.16 -0.33
C LEU A 524 7.96 -9.53 0.64
N LYS A 525 9.11 -8.86 0.55
CA LYS A 525 10.25 -9.08 1.47
C LYS A 525 9.86 -8.63 2.89
N ASP A 526 8.98 -7.63 3.00
CA ASP A 526 8.46 -7.10 4.29
C ASP A 526 7.41 -8.07 4.84
N ALA A 527 6.74 -8.83 3.97
CA ALA A 527 5.64 -9.76 4.32
C ALA A 527 6.21 -11.09 4.85
N LEU A 528 7.44 -11.45 4.46
CA LEU A 528 8.13 -12.71 4.86
C LEU A 528 8.13 -12.84 6.39
N HIS A 529 8.39 -11.74 7.09
CA HIS A 529 8.60 -11.67 8.56
C HIS A 529 7.34 -12.09 9.33
N ASP A 530 6.18 -12.19 8.65
CA ASP A 530 4.93 -12.75 9.21
C ASP A 530 5.13 -14.25 9.47
N THR A 531 4.99 -14.68 10.72
CA THR A 531 5.30 -16.07 11.19
C THR A 531 4.29 -17.07 10.59
N HIS A 532 3.04 -16.63 10.41
CA HIS A 532 1.91 -17.49 9.95
C HIS A 532 1.91 -17.61 8.42
N PHE A 533 2.23 -16.52 7.70
CA PHE A 533 2.09 -16.43 6.23
C PHE A 533 3.46 -16.30 5.54
N GLY A 534 4.55 -16.44 6.30
CA GLY A 534 5.94 -16.35 5.80
C GLY A 534 6.22 -17.36 4.69
N SER A 535 5.77 -18.61 4.87
CA SER A 535 5.92 -19.72 3.90
C SER A 535 5.26 -19.37 2.56
N ARG A 536 4.03 -18.83 2.60
CA ARG A 536 3.23 -18.46 1.40
C ARG A 536 3.98 -17.38 0.59
N TYR A 537 4.46 -16.33 1.27
CA TYR A 537 5.11 -15.15 0.64
C TYR A 537 6.48 -15.55 0.07
N GLU A 538 7.19 -16.46 0.74
CA GLU A 538 8.47 -17.06 0.26
C GLU A 538 8.28 -17.57 -1.18
N HIS A 539 7.19 -18.29 -1.44
CA HIS A 539 6.86 -18.90 -2.76
C HIS A 539 6.48 -17.81 -3.78
N VAL A 540 5.77 -16.77 -3.35
CA VAL A 540 5.29 -15.67 -4.24
C VAL A 540 6.49 -14.80 -4.64
N LEU A 541 7.36 -14.45 -3.69
CA LEU A 541 8.61 -13.69 -3.93
C LEU A 541 9.49 -14.47 -4.91
N GLY A 542 9.70 -15.77 -4.64
CA GLY A 542 10.46 -16.71 -5.49
C GLY A 542 9.99 -16.64 -6.93
N ALA A 543 8.67 -16.72 -7.15
CA ALA A 543 8.02 -16.68 -8.48
C ALA A 543 8.28 -15.32 -9.14
N LEU A 544 8.15 -14.22 -8.40
CA LEU A 544 8.42 -12.83 -8.88
C LEU A 544 9.88 -12.74 -9.36
N LEU A 545 10.83 -13.07 -8.47
CA LEU A 545 12.30 -12.98 -8.73
C LEU A 545 12.68 -13.84 -9.95
N SER A 546 12.13 -15.06 -10.06
CA SER A 546 12.37 -15.98 -11.20
C SER A 546 11.86 -15.34 -12.49
N VAL A 547 10.61 -14.89 -12.48
CA VAL A 547 9.86 -14.32 -13.64
C VAL A 547 10.45 -12.94 -14.02
N GLY A 548 11.16 -12.29 -13.08
CA GLY A 548 11.77 -10.95 -13.26
C GLY A 548 12.92 -10.94 -14.28
N GLY A 549 13.61 -12.08 -14.44
CA GLY A 549 14.79 -12.19 -15.33
C GLY A 549 16.06 -11.80 -14.60
N LYS A 550 17.23 -12.04 -15.22
CA LYS A 550 18.57 -11.91 -14.59
C LYS A 550 18.87 -10.44 -14.31
N GLY A 551 18.74 -9.59 -15.33
CA GLY A 551 18.95 -8.12 -15.25
C GLY A 551 18.32 -7.53 -13.99
N LEU A 552 17.06 -7.84 -13.73
CA LEU A 552 16.28 -7.31 -12.57
C LEU A 552 16.87 -7.87 -11.27
N ARG A 553 17.02 -9.20 -11.17
CA ARG A 553 17.51 -9.92 -9.97
C ARG A 553 18.85 -9.32 -9.48
N GLU A 554 19.79 -9.06 -10.40
CA GLU A 554 21.16 -8.58 -10.08
C GLU A 554 21.09 -7.19 -9.44
N GLU A 555 20.31 -6.27 -10.02
CA GLU A 555 20.15 -4.89 -9.50
C GLU A 555 19.44 -4.94 -8.14
N LEU A 556 18.45 -5.81 -8.00
CA LEU A 556 17.70 -6.01 -6.72
C LEU A 556 18.66 -6.53 -5.65
N SER A 557 19.58 -7.43 -6.01
CA SER A 557 20.64 -7.97 -5.12
C SER A 557 21.58 -6.84 -4.67
N LYS A 558 22.04 -6.02 -5.61
CA LYS A 558 22.89 -4.81 -5.35
C LYS A 558 22.18 -3.92 -4.32
N GLN A 559 20.91 -3.59 -4.57
CA GLN A 559 20.07 -2.71 -3.70
C GLN A 559 19.96 -3.34 -2.30
N MET A 560 19.65 -4.63 -2.24
CA MET A 560 19.49 -5.41 -0.98
C MET A 560 20.80 -5.38 -0.19
N LYS A 561 21.95 -5.39 -0.88
CA LYS A 561 23.30 -5.34 -0.26
C LYS A 561 23.53 -3.95 0.34
N LEU A 562 23.34 -2.89 -0.45
CA LEU A 562 23.51 -1.46 -0.01
C LEU A 562 22.70 -1.23 1.27
N VAL A 563 21.47 -1.76 1.32
CA VAL A 563 20.54 -1.65 2.49
C VAL A 563 21.22 -2.26 3.72
N GLN A 564 21.63 -3.53 3.64
CA GLN A 564 22.26 -4.28 4.76
C GLN A 564 23.50 -3.53 5.25
N LEU A 565 24.31 -2.97 4.34
CA LEU A 565 25.52 -2.18 4.67
C LEU A 565 25.13 -0.90 5.43
N LEU A 566 24.21 -0.11 4.86
CA LEU A 566 23.69 1.15 5.48
C LEU A 566 23.03 0.83 6.82
N GLY A 567 22.27 -0.26 6.89
CA GLY A 567 21.73 -0.83 8.14
C GLY A 567 22.85 -1.15 9.11
N GLY A 568 23.92 -1.78 8.63
CA GLY A 568 25.17 -2.04 9.39
C GLY A 568 25.74 -0.76 9.98
N VAL A 569 26.04 0.23 9.13
CA VAL A 569 26.69 1.52 9.51
C VAL A 569 25.87 2.22 10.60
N ALA A 570 24.54 2.22 10.48
CA ALA A 570 23.60 2.98 11.34
C ALA A 570 23.56 2.37 12.75
N GLU A 571 23.64 1.03 12.85
CA GLU A 571 23.78 0.29 14.14
C GLU A 571 25.11 0.68 14.81
N LYS A 572 26.21 0.57 14.06
CA LYS A 572 27.59 0.91 14.51
C LYS A 572 27.62 2.35 15.01
N VAL A 573 27.00 3.27 14.26
CA VAL A 573 26.96 4.74 14.55
C VAL A 573 26.26 4.99 15.89
N ARG A 574 25.17 4.27 16.16
CA ARG A 574 24.30 4.49 17.34
C ARG A 574 24.92 3.83 18.58
N GLN A 575 25.51 2.64 18.42
CA GLN A 575 26.17 1.87 19.50
C GLN A 575 27.48 2.56 19.92
N ALA A 576 27.95 3.54 19.15
CA ALA A 576 29.15 4.36 19.42
C ALA A 576 28.83 5.42 20.49
N SER A 577 29.87 5.96 21.13
CA SER A 577 29.78 7.08 22.11
C SER A 577 29.71 8.41 21.38
N GLY A 578 29.19 9.44 22.03
CA GLY A 578 29.00 10.80 21.47
C GLY A 578 30.29 11.39 20.91
N SER A 579 31.41 11.17 21.61
CA SER A 579 32.75 11.70 21.26
C SER A 579 33.29 11.05 19.99
N THR A 580 33.05 9.74 19.81
CA THR A 580 33.66 8.89 18.76
C THR A 580 32.68 8.63 17.61
N ARG A 581 31.40 9.02 17.75
CA ARG A 581 30.30 8.66 16.80
C ARG A 581 30.68 9.12 15.38
N GLN A 582 31.21 10.33 15.23
CA GLN A 582 31.54 10.93 13.91
C GLN A 582 32.60 10.07 13.21
N VAL A 583 33.64 9.66 13.95
CA VAL A 583 34.77 8.83 13.45
C VAL A 583 34.24 7.45 13.02
N VAL A 584 33.36 6.83 13.83
CA VAL A 584 32.77 5.49 13.57
C VAL A 584 32.04 5.51 12.22
N LEU A 585 31.30 6.58 11.94
CA LEU A 585 30.56 6.80 10.67
C LEU A 585 31.55 6.83 9.51
N GLN A 586 32.58 7.68 9.61
CA GLN A 586 33.62 7.90 8.56
C GLN A 586 34.34 6.57 8.26
N LYS A 587 34.62 5.77 9.29
CA LYS A 587 35.28 4.44 9.14
C LYS A 587 34.27 3.43 8.58
N SER A 588 33.07 3.37 9.16
CA SER A 588 32.01 2.38 8.81
C SER A 588 31.58 2.53 7.35
N MET A 589 31.68 3.74 6.78
CA MET A 589 31.30 4.04 5.38
C MET A 589 32.34 3.49 4.39
N GLU A 590 33.44 2.91 4.87
CA GLU A 590 34.47 2.26 4.02
C GLU A 590 33.86 1.08 3.25
N ARG A 591 32.97 0.31 3.87
CA ARG A 591 32.37 -0.92 3.28
C ARG A 591 31.44 -0.53 2.13
N VAL A 592 30.68 0.57 2.25
CA VAL A 592 29.80 1.09 1.16
C VAL A 592 30.67 1.79 0.11
N GLN A 593 31.76 2.45 0.52
CA GLN A 593 32.80 3.00 -0.38
C GLN A 593 33.29 1.89 -1.31
N SER A 594 33.69 0.75 -0.73
CA SER A 594 34.13 -0.47 -1.44
C SER A 594 33.00 -1.01 -2.32
N PHE A 595 31.77 -1.07 -1.78
CA PHE A 595 30.55 -1.55 -2.48
C PHE A 595 30.43 -0.84 -3.84
N PHE A 596 30.69 0.48 -3.87
CA PHE A 596 30.48 1.35 -5.05
C PHE A 596 31.66 1.24 -6.04
N LEU A 597 32.87 0.93 -5.56
CA LEU A 597 34.06 0.70 -6.42
C LEU A 597 33.81 -0.50 -7.36
N ARG A 598 32.99 -1.47 -6.93
CA ARG A 598 32.69 -2.71 -7.71
C ARG A 598 31.22 -2.74 -8.14
N ASN A 599 30.45 -1.67 -7.91
CA ASN A 599 28.98 -1.62 -8.18
C ASN A 599 28.50 -0.17 -8.43
N LYS A 600 27.76 0.04 -9.51
CA LYS A 600 26.76 1.13 -9.63
C LYS A 600 25.41 0.55 -9.19
N CYS A 601 24.74 1.22 -8.25
CA CYS A 601 23.52 0.73 -7.56
C CYS A 601 22.38 1.74 -7.69
N ARG A 602 21.19 1.27 -8.06
CA ARG A 602 19.94 2.08 -8.08
C ARG A 602 19.52 2.32 -6.63
N LEU A 603 19.04 3.52 -6.32
CA LEU A 603 18.55 3.91 -4.96
C LEU A 603 17.22 3.20 -4.71
N PRO A 604 17.12 2.32 -3.68
CA PRO A 604 15.89 1.54 -3.45
C PRO A 604 14.61 2.40 -3.32
N LEU A 605 14.72 3.57 -2.71
CA LEU A 605 13.60 4.52 -2.48
C LEU A 605 13.06 5.05 -3.81
N LYS A 606 13.93 5.20 -4.81
CA LYS A 606 13.59 5.71 -6.16
C LYS A 606 14.58 5.12 -7.17
N PRO A 607 14.33 3.89 -7.67
CA PRO A 607 15.33 3.16 -8.46
C PRO A 607 15.70 3.80 -9.81
N SER A 608 15.06 4.92 -10.18
CA SER A 608 15.42 5.74 -11.38
C SER A 608 16.74 6.47 -11.12
N LEU A 609 17.08 6.73 -9.86
CA LEU A 609 18.37 7.37 -9.45
C LEU A 609 19.45 6.28 -9.32
N VAL A 610 20.51 6.40 -10.13
CA VAL A 610 21.71 5.50 -10.08
C VAL A 610 22.80 6.20 -9.25
N ALA A 611 23.22 5.57 -8.15
CA ALA A 611 24.36 6.02 -7.32
C ALA A 611 25.65 5.37 -7.86
N LYS A 612 26.64 6.20 -8.20
CA LYS A 612 27.97 5.78 -8.74
C LYS A 612 28.98 5.68 -7.60
N GLU A 613 28.93 6.65 -6.68
CA GLU A 613 29.96 6.88 -5.62
C GLU A 613 29.25 7.45 -4.40
N LEU A 614 29.89 7.35 -3.22
CA LEU A 614 29.41 7.99 -1.97
C LEU A 614 30.23 9.25 -1.70
N ASN A 615 29.56 10.38 -1.47
CA ASN A 615 30.16 11.66 -1.05
C ASN A 615 30.33 11.61 0.48
N ILE A 616 31.54 11.28 0.94
CA ILE A 616 31.82 10.86 2.36
C ILE A 616 31.81 12.09 3.27
N LYS A 617 32.25 13.24 2.75
CA LYS A 617 32.40 14.52 3.52
C LYS A 617 31.02 15.12 3.81
N SER A 618 30.00 14.81 2.99
CA SER A 618 28.60 15.30 3.14
C SER A 618 27.78 14.36 4.04
N CYS A 619 28.22 13.11 4.21
CA CYS A 619 27.53 12.09 5.04
C CYS A 619 27.65 12.44 6.53
N SER A 620 26.58 12.25 7.29
CA SER A 620 26.45 12.66 8.72
C SER A 620 25.32 11.88 9.40
N PHE A 621 25.15 12.09 10.71
CA PHE A 621 24.00 11.61 11.53
C PHE A 621 23.19 12.84 11.95
N PHE A 622 21.87 12.67 12.08
CA PHE A 622 20.88 13.79 12.15
C PHE A 622 20.73 14.33 13.58
N SER A 623 21.40 13.72 14.56
CA SER A 623 21.46 14.21 15.98
C SER A 623 20.09 14.06 16.67
N SER A 624 19.31 13.07 16.24
CA SER A 624 18.00 12.68 16.83
C SER A 624 18.16 11.32 17.54
N ASN A 625 17.19 10.94 18.38
CA ASN A 625 17.08 9.57 18.94
C ASN A 625 16.75 8.62 17.77
N ALA A 626 17.49 7.51 17.66
CA ALA A 626 17.58 6.63 16.47
C ALA A 626 18.74 7.08 15.57
N MET A 627 19.46 8.14 15.98
CA MET A 627 20.63 8.74 15.26
C MET A 627 20.58 8.36 13.79
N PRO A 628 19.61 8.89 13.01
CA PRO A 628 19.45 8.52 11.61
C PRO A 628 20.58 9.13 10.75
N LEU A 629 21.05 8.37 9.75
CA LEU A 629 22.12 8.79 8.82
C LEU A 629 21.52 9.71 7.74
N LYS A 630 22.22 10.81 7.42
CA LYS A 630 22.09 11.54 6.13
C LYS A 630 23.13 10.94 5.17
N VAL A 631 22.68 10.14 4.21
CA VAL A 631 23.54 9.52 3.16
C VAL A 631 23.47 10.38 1.90
N THR A 632 24.56 11.09 1.58
CA THR A 632 24.76 11.85 0.32
C THR A 632 25.49 10.95 -0.69
N MET A 633 24.96 10.84 -1.91
CA MET A 633 25.50 9.98 -2.99
C MET A 633 25.59 10.79 -4.29
N VAL A 634 26.65 10.54 -5.07
CA VAL A 634 26.92 11.17 -6.40
C VAL A 634 26.10 10.42 -7.45
N ASN A 635 25.43 11.15 -8.36
CA ASN A 635 24.63 10.57 -9.47
C ASN A 635 25.59 10.03 -10.53
N ALA A 636 25.27 8.87 -11.12
CA ALA A 636 26.01 8.25 -12.24
C ALA A 636 25.81 9.10 -13.51
N ASP A 637 24.77 9.95 -13.52
CA ASP A 637 24.46 10.90 -14.62
C ASP A 637 25.00 12.29 -14.24
N PRO A 638 25.98 12.84 -15.00
CA PRO A 638 26.42 14.22 -14.80
C PRO A 638 25.28 15.26 -14.93
N LEU A 639 24.27 14.95 -15.75
CA LEU A 639 23.09 15.82 -16.00
C LEU A 639 22.18 15.88 -14.76
N GLY A 640 22.35 14.93 -13.83
CA GLY A 640 21.54 14.82 -12.60
C GLY A 640 22.09 15.66 -11.46
N GLU A 641 21.38 15.65 -10.32
CA GLU A 641 21.77 16.32 -9.06
C GLU A 641 22.26 15.27 -8.08
N GLU A 642 22.83 15.70 -6.94
CA GLU A 642 23.22 14.83 -5.80
C GLU A 642 21.98 14.09 -5.28
N ILE A 643 22.19 12.92 -4.67
CA ILE A 643 21.12 12.10 -4.02
C ILE A 643 21.32 12.21 -2.50
N ASN A 644 20.42 12.93 -1.82
CA ASN A 644 20.37 13.02 -0.33
C ASN A 644 19.16 12.19 0.13
N VAL A 645 19.37 11.35 1.15
CA VAL A 645 18.35 10.39 1.66
C VAL A 645 18.69 10.05 3.11
N MET A 646 17.66 9.83 3.94
CA MET A 646 17.79 9.39 5.35
C MET A 646 17.77 7.85 5.38
N PHE A 647 18.62 7.24 6.20
CA PHE A 647 18.51 5.81 6.59
C PHE A 647 18.47 5.72 8.12
N LYS A 648 17.47 5.01 8.65
CA LYS A 648 17.15 4.95 10.10
C LYS A 648 16.99 3.49 10.53
N VAL A 649 17.37 3.19 11.78
CA VAL A 649 17.21 1.86 12.43
C VAL A 649 16.53 2.07 13.79
N GLY A 650 15.59 1.19 14.16
CA GLY A 650 14.94 1.17 15.48
C GLY A 650 13.43 1.24 15.39
N GLU A 651 12.89 2.20 14.62
CA GLU A 651 11.44 2.41 14.43
C GLU A 651 10.93 1.50 13.32
N ASP A 652 9.75 0.90 13.51
CA ASP A 652 8.98 0.22 12.43
C ASP A 652 8.32 1.31 11.57
N LEU A 653 8.76 1.44 10.31
CA LEU A 653 8.40 2.57 9.41
C LEU A 653 7.05 2.32 8.73
N ARG A 654 6.49 1.12 8.83
CA ARG A 654 5.27 0.72 8.05
C ARG A 654 4.07 1.58 8.47
N GLN A 655 4.01 2.03 9.72
CA GLN A 655 2.95 2.94 10.22
C GLN A 655 3.07 4.27 9.48
N ASP A 656 4.31 4.74 9.24
CA ASP A 656 4.62 5.99 8.51
C ASP A 656 4.27 5.83 7.02
N MET A 657 4.60 4.67 6.43
CA MET A 657 4.35 4.35 5.00
C MET A 657 2.85 4.42 4.70
N LEU A 658 2.00 3.99 5.65
CA LEU A 658 0.52 3.94 5.46
C LEU A 658 -0.06 5.36 5.52
N ALA A 659 0.32 6.13 6.55
CA ALA A 659 -0.02 7.56 6.70
C ALA A 659 0.26 8.29 5.38
N LEU A 660 1.49 8.18 4.86
CA LEU A 660 1.94 8.82 3.61
C LEU A 660 1.11 8.32 2.42
N GLN A 661 0.84 7.01 2.36
CA GLN A 661 -0.03 6.39 1.31
C GLN A 661 -1.41 7.06 1.36
N MET A 662 -2.02 7.14 2.55
CA MET A 662 -3.38 7.71 2.75
C MET A 662 -3.38 9.19 2.37
N ILE A 663 -2.35 9.94 2.75
CA ILE A 663 -2.21 11.40 2.42
C ILE A 663 -2.07 11.52 0.89
N LYS A 664 -1.30 10.62 0.26
CA LYS A 664 -1.02 10.63 -1.20
C LYS A 664 -2.30 10.33 -1.98
N ILE A 665 -3.17 9.45 -1.47
CA ILE A 665 -4.46 9.07 -2.12
C ILE A 665 -5.44 10.25 -2.02
N MET A 666 -5.39 11.02 -0.93
CA MET A 666 -6.21 12.25 -0.75
C MET A 666 -5.79 13.29 -1.78
N ASP A 667 -4.48 13.47 -1.97
CA ASP A 667 -3.88 14.37 -3.01
C ASP A 667 -4.42 13.93 -4.37
N LYS A 668 -4.40 12.63 -4.66
CA LYS A 668 -4.86 12.04 -5.95
C LYS A 668 -6.37 12.28 -6.13
N ILE A 669 -7.16 12.11 -5.07
CA ILE A 669 -8.64 12.29 -5.08
C ILE A 669 -8.95 13.77 -5.40
N TRP A 670 -8.25 14.70 -4.75
CA TRP A 670 -8.44 16.17 -4.91
C TRP A 670 -8.10 16.57 -6.35
N LEU A 671 -6.95 16.11 -6.87
CA LEU A 671 -6.44 16.47 -8.23
C LEU A 671 -7.39 15.92 -9.31
N LYS A 672 -8.09 14.82 -9.03
CA LYS A 672 -9.08 14.18 -9.95
C LYS A 672 -10.38 15.00 -10.00
N GLU A 673 -10.58 15.93 -9.05
CA GLU A 673 -11.77 16.83 -9.00
C GLU A 673 -11.31 18.29 -9.14
N GLY A 674 -10.09 18.51 -9.68
CA GLY A 674 -9.58 19.84 -10.07
C GLY A 674 -8.96 20.62 -8.92
N LEU A 675 -9.03 20.09 -7.69
CA LEU A 675 -8.49 20.76 -6.47
C LEU A 675 -7.03 20.35 -6.26
N ASP A 676 -6.11 21.30 -6.35
CA ASP A 676 -4.66 21.12 -6.07
C ASP A 676 -4.34 21.92 -4.80
N LEU A 677 -4.06 21.21 -3.69
CA LEU A 677 -3.73 21.81 -2.37
C LEU A 677 -2.21 21.79 -2.16
N ARG A 678 -1.42 21.65 -3.23
CA ARG A 678 0.05 21.85 -3.24
C ARG A 678 0.67 21.03 -2.12
N MET A 679 0.34 19.74 -2.06
CA MET A 679 0.74 18.83 -0.95
C MET A 679 2.15 18.27 -1.22
N VAL A 680 2.96 18.18 -0.17
CA VAL A 680 4.33 17.58 -0.20
C VAL A 680 4.17 16.07 -0.06
N ILE A 681 4.50 15.30 -1.11
CA ILE A 681 4.36 13.81 -1.15
C ILE A 681 5.76 13.20 -1.20
N PHE A 682 6.33 12.81 -0.05
CA PHE A 682 7.69 12.21 0.06
C PHE A 682 7.57 10.71 0.32
N ARG A 683 8.57 9.96 -0.15
CA ARG A 683 8.61 8.47 -0.16
C ARG A 683 9.31 7.98 1.11
N CYS A 684 8.90 6.82 1.61
CA CYS A 684 9.48 6.11 2.78
C CYS A 684 9.44 4.60 2.48
N LEU A 685 10.60 3.92 2.50
CA LEU A 685 10.71 2.47 2.16
C LEU A 685 11.21 1.70 3.39
N SER A 686 10.39 0.77 3.90
CA SER A 686 10.78 -0.22 4.92
C SER A 686 11.55 -1.36 4.25
N THR A 687 12.88 -1.36 4.37
CA THR A 687 13.80 -2.32 3.70
C THR A 687 13.80 -3.64 4.50
N GLY A 688 14.08 -3.56 5.80
CA GLY A 688 14.00 -4.67 6.75
C GLY A 688 13.00 -4.39 7.85
N ARG A 689 12.94 -5.25 8.86
CA ARG A 689 12.15 -5.03 10.11
C ARG A 689 12.81 -3.88 10.89
N ASP A 690 12.06 -2.79 11.11
CA ASP A 690 12.46 -1.64 11.96
C ASP A 690 13.70 -0.94 11.35
N ARG A 691 13.76 -0.85 10.02
CA ARG A 691 14.79 -0.06 9.28
C ARG A 691 14.29 0.25 7.87
N GLY A 692 14.86 1.28 7.24
CA GLY A 692 14.53 1.67 5.85
C GLY A 692 14.98 3.07 5.50
N MET A 693 14.77 3.47 4.24
CA MET A 693 15.13 4.81 3.70
C MET A 693 13.93 5.74 3.84
N VAL A 694 14.19 7.03 4.10
CA VAL A 694 13.18 8.13 4.07
C VAL A 694 13.72 9.25 3.18
N GLU A 695 12.91 9.71 2.22
CA GLU A 695 13.20 10.88 1.36
C GLU A 695 13.49 12.10 2.25
N LEU A 696 14.47 12.92 1.87
CA LEU A 696 14.77 14.23 2.50
C LEU A 696 14.29 15.35 1.59
N VAL A 697 13.26 16.08 2.02
CA VAL A 697 12.75 17.32 1.37
C VAL A 697 13.79 18.42 1.60
N PRO A 698 14.39 18.99 0.53
CA PRO A 698 15.39 20.04 0.69
C PRO A 698 14.76 21.38 1.10
N ALA A 699 15.55 22.22 1.78
CA ALA A 699 15.20 23.61 2.17
C ALA A 699 13.92 23.63 3.01
N SER A 700 13.80 22.71 3.96
CA SER A 700 12.68 22.63 4.95
C SER A 700 13.24 22.52 6.37
N ASP A 701 12.47 22.95 7.37
CA ASP A 701 12.83 22.88 8.81
C ASP A 701 11.55 22.72 9.64
N THR A 702 11.66 22.10 10.82
CA THR A 702 10.57 21.95 11.81
C THR A 702 10.12 23.34 12.26
N LEU A 703 8.82 23.50 12.54
CA LEU A 703 8.23 24.76 13.09
C LEU A 703 9.09 25.23 14.26
N ARG A 704 9.41 24.32 15.19
CA ARG A 704 10.13 24.63 16.45
C ARG A 704 11.46 25.31 16.14
N LYS A 705 12.29 24.70 15.28
CA LYS A 705 13.61 25.24 14.87
C LYS A 705 13.44 26.71 14.44
N ILE A 706 12.35 27.04 13.75
CA ILE A 706 12.05 28.40 13.22
C ILE A 706 11.60 29.31 14.37
N GLN A 707 10.68 28.84 15.23
CA GLN A 707 10.16 29.61 16.40
C GLN A 707 11.32 29.94 17.33
N VAL A 708 12.30 29.04 17.40
CA VAL A 708 13.49 29.11 18.30
C VAL A 708 14.52 30.08 17.69
N GLU A 709 14.73 30.05 16.37
CA GLU A 709 15.79 30.84 15.67
C GLU A 709 15.37 32.32 15.53
N TYR A 710 14.07 32.61 15.35
CA TYR A 710 13.52 33.99 15.38
C TYR A 710 13.39 34.45 16.83
N GLY A 711 13.20 33.51 17.76
CA GLY A 711 13.01 33.76 19.20
C GLY A 711 14.14 34.54 19.84
N VAL A 712 15.34 34.55 19.22
CA VAL A 712 16.56 35.22 19.73
C VAL A 712 16.52 36.71 19.38
N THR A 713 16.02 37.07 18.19
CA THR A 713 16.00 38.46 17.66
C THR A 713 14.83 39.22 18.28
N GLY A 714 13.62 38.65 18.21
CA GLY A 714 12.37 39.26 18.71
C GLY A 714 11.53 38.25 19.48
N SER A 715 10.52 38.76 20.21
CA SER A 715 9.54 37.95 20.99
C SER A 715 8.12 38.47 20.71
N PHE A 716 7.78 38.67 19.43
CA PHE A 716 6.46 39.16 18.97
C PHE A 716 5.52 37.95 18.80
N LYS A 717 6.07 36.80 18.40
CA LYS A 717 5.44 35.45 18.39
C LYS A 717 4.50 35.28 17.19
N ASP A 718 3.97 36.38 16.63
CA ASP A 718 3.16 36.39 15.38
C ASP A 718 4.09 36.30 14.17
N LYS A 719 5.39 36.59 14.35
CA LYS A 719 6.35 36.94 13.28
C LYS A 719 7.21 35.74 12.84
N PRO A 720 7.43 34.67 13.64
CA PRO A 720 8.48 33.71 13.33
C PRO A 720 8.37 33.08 11.93
N LEU A 721 7.22 32.49 11.60
CA LEU A 721 6.97 31.84 10.28
C LEU A 721 7.04 32.89 9.18
N ALA A 722 6.33 34.01 9.34
CA ALA A 722 6.22 35.11 8.36
C ALA A 722 7.62 35.63 7.99
N GLU A 723 8.44 35.96 8.99
CA GLU A 723 9.80 36.55 8.78
C GLU A 723 10.78 35.45 8.37
N TRP A 724 10.46 34.17 8.58
CA TRP A 724 11.24 33.03 8.05
C TRP A 724 11.01 32.91 6.53
N LEU A 725 9.76 32.99 6.09
CA LEU A 725 9.38 32.87 4.66
C LEU A 725 9.92 34.08 3.87
N ARG A 726 9.96 35.25 4.49
CA ARG A 726 10.42 36.52 3.85
C ARG A 726 11.91 36.43 3.52
N LYS A 727 12.73 35.87 4.41
CA LYS A 727 14.21 35.84 4.25
C LYS A 727 14.58 34.97 3.04
N TYR A 728 13.71 34.03 2.65
CA TYR A 728 13.87 33.15 1.46
C TYR A 728 12.94 33.60 0.32
N ASN A 729 11.91 34.39 0.64
CA ASN A 729 10.94 34.97 -0.34
C ASN A 729 10.84 36.47 -0.10
N PRO A 730 11.88 37.26 -0.47
CA PRO A 730 11.99 38.65 -0.04
C PRO A 730 11.07 39.63 -0.80
N SER A 731 11.00 39.51 -2.13
CA SER A 731 10.16 40.37 -3.00
CA SER A 731 10.16 40.38 -3.00
C SER A 731 8.68 40.19 -2.63
N GLU A 732 7.85 41.20 -2.92
CA GLU A 732 6.42 41.26 -2.53
C GLU A 732 5.62 40.13 -3.20
N GLU A 733 5.92 39.81 -4.46
CA GLU A 733 5.23 38.73 -5.22
C GLU A 733 5.78 37.36 -4.79
N GLU A 734 7.04 37.31 -4.36
CA GLU A 734 7.72 36.07 -3.91
C GLU A 734 7.13 35.62 -2.57
N TYR A 735 6.96 36.54 -1.61
CA TYR A 735 6.37 36.26 -0.27
C TYR A 735 4.90 35.86 -0.42
N GLU A 736 4.13 36.63 -1.19
CA GLU A 736 2.67 36.43 -1.40
C GLU A 736 2.44 35.01 -1.91
N LYS A 737 3.25 34.55 -2.87
CA LYS A 737 3.20 33.19 -3.47
C LYS A 737 3.47 32.14 -2.38
N ALA A 738 4.52 32.35 -1.57
CA ALA A 738 4.95 31.44 -0.49
C ALA A 738 3.86 31.31 0.57
N SER A 739 3.21 32.43 0.92
CA SER A 739 2.06 32.50 1.86
C SER A 739 0.86 31.75 1.28
N GLU A 740 0.66 31.84 -0.03
CA GLU A 740 -0.44 31.16 -0.77
C GLU A 740 -0.17 29.66 -0.77
N ASN A 741 1.08 29.26 -1.06
CA ASN A 741 1.55 27.84 -0.98
C ASN A 741 1.23 27.29 0.41
N PHE A 742 1.45 28.08 1.46
CA PHE A 742 1.18 27.70 2.88
C PHE A 742 -0.32 27.50 3.10
N ILE A 743 -1.15 28.43 2.62
CA ILE A 743 -2.64 28.39 2.80
C ILE A 743 -3.17 27.06 2.27
N TYR A 744 -2.81 26.70 1.03
CA TYR A 744 -3.30 25.51 0.30
C TYR A 744 -2.76 24.24 0.97
N SER A 745 -1.47 24.21 1.32
CA SER A 745 -0.80 23.03 1.94
C SER A 745 -1.32 22.81 3.36
N CYS A 746 -1.58 23.88 4.11
CA CYS A 746 -2.12 23.84 5.49
C CYS A 746 -3.52 23.25 5.48
N ALA A 747 -4.32 23.60 4.48
CA ALA A 747 -5.71 23.09 4.30
C ALA A 747 -5.67 21.56 4.20
N GLY A 748 -4.95 21.03 3.20
CA GLY A 748 -4.76 19.59 3.01
C GLY A 748 -4.34 18.89 4.30
N CYS A 749 -3.36 19.47 5.00
CA CYS A 749 -2.76 18.91 6.24
C CYS A 749 -3.81 18.86 7.36
N CYS A 750 -4.60 19.93 7.52
CA CYS A 750 -5.70 20.04 8.52
C CYS A 750 -6.74 18.93 8.28
N VAL A 751 -7.16 18.77 7.02
CA VAL A 751 -8.21 17.78 6.61
C VAL A 751 -7.66 16.37 6.85
N ALA A 752 -6.41 16.11 6.44
CA ALA A 752 -5.72 14.80 6.59
C ALA A 752 -5.50 14.49 8.07
N THR A 753 -5.07 15.47 8.85
CA THR A 753 -4.89 15.40 10.33
C THR A 753 -6.17 14.85 10.98
N TYR A 754 -7.34 15.41 10.63
CA TYR A 754 -8.62 15.14 11.34
C TYR A 754 -9.15 13.74 10.99
N VAL A 755 -9.25 13.41 9.70
CA VAL A 755 -9.89 12.16 9.20
C VAL A 755 -9.02 10.95 9.58
N LEU A 756 -7.70 11.06 9.43
CA LEU A 756 -6.74 9.97 9.74
C LEU A 756 -6.43 9.96 11.25
N GLY A 757 -6.90 10.98 11.98
CA GLY A 757 -6.80 11.06 13.44
C GLY A 757 -5.36 11.14 13.93
N ILE A 758 -4.50 11.86 13.20
CA ILE A 758 -3.13 12.20 13.68
C ILE A 758 -3.26 13.36 14.67
N CYS A 759 -3.43 13.04 15.96
CA CYS A 759 -3.78 13.98 17.05
C CYS A 759 -2.51 14.52 17.75
N ASP A 760 -1.36 13.88 17.51
CA ASP A 760 -0.12 14.04 18.33
C ASP A 760 0.82 15.10 17.71
N ARG A 761 0.29 16.08 16.99
CA ARG A 761 1.13 17.07 16.26
C ARG A 761 1.66 18.13 17.22
N HIS A 762 2.89 18.58 16.97
CA HIS A 762 3.61 19.66 17.68
C HIS A 762 4.70 20.21 16.76
N ASN A 763 5.53 21.11 17.28
CA ASN A 763 6.44 21.99 16.49
C ASN A 763 7.59 21.16 15.88
N ASP A 764 7.92 20.00 16.44
CA ASP A 764 8.96 19.07 15.91
C ASP A 764 8.32 18.11 14.89
N ASN A 765 6.99 17.96 14.93
CA ASN A 765 6.21 17.04 14.05
C ASN A 765 5.89 17.72 12.72
N ILE A 766 5.53 19.01 12.75
CA ILE A 766 5.12 19.80 11.55
C ILE A 766 6.39 20.37 10.90
N MET A 767 6.52 20.25 9.58
CA MET A 767 7.65 20.81 8.80
C MET A 767 7.13 21.88 7.83
N LEU A 768 8.02 22.76 7.39
CA LEU A 768 7.72 23.90 6.50
C LEU A 768 8.87 24.08 5.51
N ARG A 769 8.61 23.86 4.22
CA ARG A 769 9.57 24.08 3.11
C ARG A 769 9.71 25.58 2.86
N SER A 770 10.90 26.02 2.44
CA SER A 770 11.27 27.45 2.24
C SER A 770 10.39 28.12 1.18
N THR A 771 9.71 27.32 0.35
CA THR A 771 8.75 27.75 -0.70
C THR A 771 7.36 28.02 -0.09
N GLY A 772 7.17 27.69 1.20
CA GLY A 772 5.92 27.97 1.95
C GLY A 772 5.10 26.72 2.21
N HIS A 773 5.40 25.59 1.55
CA HIS A 773 4.63 24.33 1.66
C HIS A 773 4.83 23.71 3.05
N MET A 774 3.73 23.32 3.68
CA MET A 774 3.67 22.68 5.03
C MET A 774 3.38 21.18 4.87
N PHE A 775 3.96 20.34 5.74
CA PHE A 775 3.79 18.86 5.69
C PHE A 775 4.13 18.23 7.06
N HIS A 776 3.59 17.03 7.31
CA HIS A 776 3.85 16.18 8.51
C HIS A 776 5.03 15.24 8.21
N ILE A 777 5.73 14.74 9.24
CA ILE A 777 6.92 13.83 9.07
C ILE A 777 6.84 12.61 10.01
N ASP A 778 6.66 12.80 11.32
CA ASP A 778 6.64 11.70 12.32
C ASP A 778 5.18 11.33 12.63
N PHE A 779 4.70 10.22 12.07
CA PHE A 779 3.31 9.71 12.25
C PHE A 779 3.30 8.70 13.40
N GLY A 780 3.70 9.16 14.60
CA GLY A 780 3.68 8.38 15.84
C GLY A 780 2.26 7.95 16.18
N LYS A 781 1.32 8.90 16.21
CA LYS A 781 -0.11 8.64 16.52
C LYS A 781 -0.90 8.62 15.20
N PHE A 782 -1.77 7.61 15.06
CA PHE A 782 -2.56 7.32 13.84
C PHE A 782 -3.90 6.71 14.26
N LEU A 783 -5.00 7.20 13.71
CA LEU A 783 -6.39 6.79 14.04
C LEU A 783 -6.57 6.92 15.57
N GLY A 784 -6.30 8.11 16.10
CA GLY A 784 -6.05 8.40 17.53
C GLY A 784 -7.20 7.97 18.44
N HIS A 785 -8.44 8.26 18.04
CA HIS A 785 -9.70 8.00 18.79
C HIS A 785 -9.81 8.98 19.97
N ALA A 786 -8.84 8.94 20.90
CA ALA A 786 -8.72 9.88 22.04
C ALA A 786 -7.24 10.07 22.39
N ALA A 797 -8.56 20.07 20.74
CA ALA A 797 -8.53 20.49 19.32
C ALA A 797 -7.95 19.37 18.45
N PRO A 798 -8.58 19.02 17.31
CA PRO A 798 -8.09 17.93 16.46
C PRO A 798 -6.75 18.27 15.79
N PHE A 799 -6.72 19.39 15.06
CA PHE A 799 -5.50 20.09 14.57
C PHE A 799 -5.39 21.41 15.34
N VAL A 800 -4.24 22.08 15.27
CA VAL A 800 -4.03 23.41 15.93
C VAL A 800 -3.45 24.38 14.89
N LEU A 801 -4.12 25.54 14.74
CA LEU A 801 -3.62 26.74 14.03
C LEU A 801 -3.16 27.76 15.07
N THR A 802 -1.87 28.09 15.11
CA THR A 802 -1.28 29.10 16.04
C THR A 802 -1.50 30.49 15.46
N SER A 803 -1.05 31.53 16.18
CA SER A 803 -1.11 32.96 15.76
C SER A 803 -0.25 33.19 14.51
N ASP A 804 0.97 32.65 14.51
CA ASP A 804 1.97 32.83 13.42
C ASP A 804 1.46 32.18 12.13
N MET A 805 0.70 31.09 12.23
CA MET A 805 0.05 30.41 11.07
C MET A 805 -1.05 31.32 10.52
N ALA A 806 -1.96 31.77 11.39
CA ALA A 806 -3.07 32.70 11.09
C ALA A 806 -2.52 33.97 10.41
N TYR A 807 -1.36 34.45 10.86
CA TYR A 807 -0.69 35.68 10.36
C TYR A 807 -0.29 35.48 8.89
N VAL A 808 0.36 34.36 8.57
CA VAL A 808 0.85 34.03 7.20
C VAL A 808 -0.38 33.92 6.26
N ILE A 809 -1.45 33.28 6.73
CA ILE A 809 -2.70 33.06 5.95
C ILE A 809 -3.36 34.41 5.64
N ASN A 810 -3.71 35.16 6.68
CA ASN A 810 -4.36 36.51 6.57
C ASN A 810 -3.45 37.45 5.78
N GLY A 811 -2.13 37.38 6.00
CA GLY A 811 -1.14 38.34 5.48
C GLY A 811 -1.03 39.55 6.38
N GLY A 812 -1.48 39.43 7.64
CA GLY A 812 -1.44 40.50 8.64
C GLY A 812 -2.10 40.11 9.95
N GLU A 813 -2.37 41.10 10.81
CA GLU A 813 -2.84 40.93 12.21
C GLU A 813 -4.35 40.61 12.23
N LYS A 814 -5.10 41.13 11.25
CA LYS A 814 -6.59 41.06 11.21
C LYS A 814 -7.04 40.10 10.11
N PRO A 815 -8.21 39.45 10.27
CA PRO A 815 -8.71 38.51 9.26
C PRO A 815 -8.92 39.16 7.88
N THR A 816 -8.52 38.47 6.81
CA THR A 816 -8.72 38.87 5.39
C THR A 816 -9.57 37.80 4.70
N ILE A 817 -9.91 38.02 3.42
CA ILE A 817 -10.66 37.04 2.57
C ILE A 817 -9.77 35.82 2.31
N ARG A 818 -8.46 35.91 2.58
CA ARG A 818 -7.49 34.79 2.43
C ARG A 818 -7.85 33.69 3.44
N PHE A 819 -8.29 34.05 4.65
CA PHE A 819 -8.75 33.08 5.67
C PHE A 819 -10.06 32.44 5.22
N GLN A 820 -10.93 33.20 4.55
CA GLN A 820 -12.18 32.67 3.97
C GLN A 820 -11.83 31.66 2.86
N LEU A 821 -10.80 31.95 2.07
CA LEU A 821 -10.26 31.03 1.03
C LEU A 821 -9.77 29.74 1.71
N PHE A 822 -9.03 29.88 2.82
CA PHE A 822 -8.50 28.75 3.64
C PHE A 822 -9.66 27.87 4.11
N VAL A 823 -10.72 28.50 4.65
CA VAL A 823 -11.93 27.81 5.21
C VAL A 823 -12.63 27.05 4.08
N ASP A 824 -12.80 27.67 2.91
CA ASP A 824 -13.48 27.10 1.71
C ASP A 824 -12.69 25.87 1.24
N LEU A 825 -11.36 25.98 1.16
CA LEU A 825 -10.43 24.91 0.68
C LEU A 825 -10.56 23.69 1.60
N CYS A 826 -10.41 23.88 2.92
CA CYS A 826 -10.57 22.83 3.96
C CYS A 826 -11.88 22.07 3.71
N CYS A 827 -13.00 22.77 3.77
CA CYS A 827 -14.38 22.23 3.67
C CYS A 827 -14.57 21.52 2.32
N GLN A 828 -14.11 22.12 1.23
CA GLN A 828 -14.19 21.53 -0.15
C GLN A 828 -13.42 20.20 -0.16
N ALA A 829 -12.15 20.23 0.23
CA ALA A 829 -11.27 19.04 0.33
C ALA A 829 -11.93 17.98 1.22
N TYR A 830 -12.44 18.39 2.38
CA TYR A 830 -13.08 17.51 3.39
C TYR A 830 -14.25 16.75 2.73
N ASN A 831 -15.06 17.44 1.93
CA ASN A 831 -16.26 16.87 1.26
C ASN A 831 -15.84 15.88 0.17
N LEU A 832 -14.71 16.13 -0.51
CA LEU A 832 -14.24 15.29 -1.64
C LEU A 832 -13.70 13.95 -1.12
N ILE A 833 -13.20 13.90 0.13
CA ILE A 833 -12.77 12.64 0.80
C ILE A 833 -14.01 11.89 1.30
N ARG A 834 -15.05 12.62 1.71
CA ARG A 834 -16.33 12.02 2.19
C ARG A 834 -17.01 11.23 1.08
N LYS A 835 -16.93 11.72 -0.17
CA LYS A 835 -17.52 11.04 -1.36
C LYS A 835 -16.71 9.78 -1.70
N GLN A 836 -15.54 9.58 -1.07
CA GLN A 836 -14.66 8.41 -1.24
C GLN A 836 -14.46 7.70 0.11
N THR A 837 -15.44 7.76 1.02
CA THR A 837 -15.39 7.13 2.36
C THR A 837 -15.07 5.63 2.22
N ASN A 838 -15.78 4.95 1.31
CA ASN A 838 -15.71 3.48 1.10
C ASN A 838 -14.28 3.06 0.73
N LEU A 839 -13.61 3.84 -0.12
CA LEU A 839 -12.21 3.57 -0.56
C LEU A 839 -11.29 3.60 0.66
N PHE A 840 -11.44 4.61 1.53
CA PHE A 840 -10.57 4.82 2.72
C PHE A 840 -10.79 3.73 3.76
N LEU A 841 -12.02 3.21 3.89
CA LEU A 841 -12.35 2.10 4.84
C LEU A 841 -11.79 0.78 4.30
N ASN A 842 -11.91 0.54 2.98
CA ASN A 842 -11.37 -0.65 2.30
C ASN A 842 -9.84 -0.65 2.39
N LEU A 843 -9.20 0.51 2.16
CA LEU A 843 -7.72 0.64 2.12
C LEU A 843 -7.13 0.39 3.51
N LEU A 844 -7.82 0.80 4.59
CA LEU A 844 -7.34 0.62 5.99
C LEU A 844 -7.67 -0.79 6.49
N SER A 845 -8.84 -1.33 6.12
CA SER A 845 -9.28 -2.71 6.46
C SER A 845 -8.26 -3.74 5.95
N LEU A 846 -7.81 -3.59 4.70
CA LEU A 846 -6.86 -4.52 4.03
C LEU A 846 -5.49 -4.49 4.72
N MET A 847 -5.20 -3.48 5.56
CA MET A 847 -3.91 -3.33 6.28
C MET A 847 -4.05 -3.77 7.74
N ILE A 848 -5.21 -4.33 8.12
CA ILE A 848 -5.45 -4.96 9.46
C ILE A 848 -4.50 -6.13 9.64
N PRO A 849 -4.45 -7.13 8.72
CA PRO A 849 -3.63 -8.32 8.93
C PRO A 849 -2.11 -8.06 8.89
N SER A 850 -1.69 -6.85 8.54
CA SER A 850 -0.26 -6.43 8.44
C SER A 850 0.32 -6.24 9.85
N GLY A 851 -0.54 -6.13 10.88
CA GLY A 851 -0.16 -6.15 12.30
C GLY A 851 0.43 -4.84 12.79
N LEU A 852 -0.09 -3.70 12.32
CA LEU A 852 0.29 -2.35 12.81
C LEU A 852 -0.34 -2.13 14.19
N PRO A 853 0.36 -1.46 15.13
CA PRO A 853 -0.11 -1.39 16.52
C PRO A 853 -1.46 -0.69 16.72
N GLU A 854 -1.79 0.28 15.86
CA GLU A 854 -2.99 1.17 15.99
C GLU A 854 -4.09 0.76 15.01
N LEU A 855 -4.02 -0.45 14.42
CA LEU A 855 -4.98 -0.93 13.40
C LEU A 855 -5.04 -2.46 13.43
N THR A 856 -5.83 -3.01 14.38
CA THR A 856 -5.92 -4.47 14.67
C THR A 856 -7.32 -5.01 14.36
N SER A 857 -8.36 -4.15 14.32
CA SER A 857 -9.78 -4.57 14.12
C SER A 857 -10.59 -3.45 13.45
N ILE A 858 -11.81 -3.81 13.02
CA ILE A 858 -12.78 -2.94 12.30
C ILE A 858 -13.20 -1.76 13.18
N GLN A 859 -13.10 -1.88 14.51
CA GLN A 859 -13.45 -0.79 15.46
C GLN A 859 -12.53 0.41 15.21
N ASP A 860 -11.27 0.17 14.82
CA ASP A 860 -10.28 1.21 14.47
C ASP A 860 -10.75 1.94 13.20
N LEU A 861 -11.48 1.25 12.31
CA LEU A 861 -12.09 1.84 11.08
C LEU A 861 -13.23 2.78 11.47
N LYS A 862 -14.01 2.44 12.51
CA LYS A 862 -15.23 3.19 12.92
C LYS A 862 -14.87 4.66 13.16
N TYR A 863 -13.79 4.93 13.91
CA TYR A 863 -13.30 6.31 14.17
C TYR A 863 -13.28 7.10 12.86
N VAL A 864 -12.61 6.55 11.84
CA VAL A 864 -12.35 7.20 10.52
C VAL A 864 -13.67 7.46 9.80
N ARG A 865 -14.58 6.48 9.82
CA ARG A 865 -15.96 6.62 9.26
C ARG A 865 -16.67 7.75 10.00
N ASP A 866 -16.67 7.72 11.34
CA ASP A 866 -17.34 8.70 12.23
C ASP A 866 -16.79 10.11 11.96
N ALA A 867 -15.50 10.22 11.64
CA ALA A 867 -14.82 11.49 11.31
C ALA A 867 -15.33 12.04 9.97
N LEU A 868 -15.73 11.15 9.05
CA LEU A 868 -16.18 11.51 7.67
C LEU A 868 -17.70 11.74 7.63
N GLN A 869 -18.38 11.74 8.79
CA GLN A 869 -19.80 12.14 8.92
C GLN A 869 -20.62 11.61 7.75
N PRO A 870 -20.71 10.28 7.55
CA PRO A 870 -21.53 9.73 6.46
C PRO A 870 -23.02 10.03 6.71
N GLN A 871 -23.80 10.08 5.62
CA GLN A 871 -25.28 10.26 5.63
C GLN A 871 -25.64 11.68 6.11
N THR A 872 -24.67 12.61 6.12
CA THR A 872 -24.88 14.07 6.26
C THR A 872 -24.55 14.73 4.91
N THR A 873 -25.11 15.91 4.64
CA THR A 873 -24.94 16.63 3.34
C THR A 873 -23.59 17.35 3.33
N ASP A 874 -23.15 17.80 2.15
CA ASP A 874 -21.91 18.60 1.95
C ASP A 874 -22.04 19.92 2.73
N ALA A 875 -23.24 20.51 2.75
CA ALA A 875 -23.55 21.79 3.44
C ALA A 875 -23.52 21.58 4.96
N GLU A 876 -24.05 20.46 5.45
CA GLU A 876 -24.08 20.08 6.89
C GLU A 876 -22.65 19.83 7.39
N ALA A 877 -21.80 19.21 6.56
CA ALA A 877 -20.40 18.83 6.89
C ALA A 877 -19.49 20.07 6.87
N THR A 878 -19.76 21.01 5.95
CA THR A 878 -19.03 22.30 5.82
C THR A 878 -19.14 23.10 7.12
N ILE A 879 -20.29 23.04 7.78
CA ILE A 879 -20.56 23.74 9.08
C ILE A 879 -19.82 23.01 10.20
N PHE A 880 -19.73 21.67 10.12
CA PHE A 880 -19.03 20.82 11.11
C PHE A 880 -17.51 21.09 11.06
N PHE A 881 -16.93 21.19 9.86
CA PHE A 881 -15.47 21.41 9.68
C PHE A 881 -15.12 22.87 9.98
N THR A 882 -15.95 23.82 9.54
CA THR A 882 -15.78 25.27 9.84
C THR A 882 -15.66 25.44 11.36
N ARG A 883 -16.48 24.73 12.14
CA ARG A 883 -16.48 24.83 13.63
C ARG A 883 -15.26 24.10 14.20
N LEU A 884 -14.72 23.10 13.50
CA LEU A 884 -13.44 22.44 13.85
C LEU A 884 -12.30 23.46 13.71
N ILE A 885 -12.30 24.25 12.63
CA ILE A 885 -11.27 25.30 12.35
C ILE A 885 -11.33 26.37 13.45
N GLU A 886 -12.51 26.92 13.72
CA GLU A 886 -12.71 27.99 14.74
C GLU A 886 -12.27 27.45 16.11
N SER A 887 -12.65 26.21 16.44
CA SER A 887 -12.27 25.49 17.69
C SER A 887 -10.74 25.40 17.79
N SER A 888 -10.07 25.05 16.68
CA SER A 888 -8.60 24.90 16.56
C SER A 888 -7.88 26.20 16.91
N LEU A 889 -8.40 27.34 16.43
CA LEU A 889 -7.76 28.68 16.54
C LEU A 889 -7.54 29.07 18.01
N GLY A 890 -8.35 28.52 18.93
CA GLY A 890 -8.17 28.69 20.39
C GLY A 890 -8.75 30.02 20.86
N SER A 891 -7.93 30.86 21.50
CA SER A 891 -8.33 32.13 22.15
C SER A 891 -8.33 33.29 21.15
N ILE A 892 -7.54 33.18 20.07
CA ILE A 892 -7.49 34.16 18.94
C ILE A 892 -8.81 34.09 18.15
N ALA A 893 -9.52 32.95 18.23
CA ALA A 893 -10.75 32.64 17.46
C ALA A 893 -11.81 33.74 17.61
N THR A 894 -11.83 34.44 18.75
CA THR A 894 -12.82 35.53 19.07
C THR A 894 -12.70 36.68 18.05
N LYS A 895 -11.50 36.88 17.49
CA LYS A 895 -11.18 37.98 16.54
C LYS A 895 -11.83 37.72 15.17
N PHE A 896 -12.02 36.45 14.80
CA PHE A 896 -12.59 36.00 13.50
C PHE A 896 -14.12 35.89 13.63
N ASN A 897 -14.83 35.85 12.49
CA ASN A 897 -16.30 35.63 12.40
C ASN A 897 -16.56 34.22 11.85
OAU 090 B . 11.23 13.19 10.41
CAO 090 B . 11.21 12.36 9.56
CAP 090 B . 10.56 10.99 9.82
CAQ 090 B . 9.97 10.33 8.74
NAR 090 B . 9.37 9.12 8.91
CAX 090 B . 9.34 8.56 10.13
CAW 090 B . 9.91 9.22 11.22
CAV 090 B . 10.51 10.43 11.05
NAN 090 B . 11.76 12.59 8.25
CAM 090 B . 12.34 13.82 7.76
NAL 090 B . 13.26 14.55 8.47
CAK 090 B . 13.75 15.71 7.91
CAJ 090 B . 14.72 16.56 8.56
OAT 090 B . 14.74 15.67 9.65
CAZ 090 B . 14.47 16.27 10.89
CAE 090 B . 13.29 16.11 6.68
CAF 090 B . 12.35 15.34 5.99
NAG 090 B . 11.89 14.23 6.53
CAH 090 B . 11.01 13.68 5.69
CAB 090 B . 10.92 14.48 4.60
NAA 090 B . 11.74 15.49 4.79
CAD 090 B . 13.76 17.30 6.07
CAC 090 B . 14.69 18.09 6.71
CAI 090 B . 15.17 17.72 7.95
OAS 090 B . 16.06 18.15 8.94
CAY 090 B . 16.76 19.32 8.60
C1 EDO C . 7.40 -6.43 10.02
O1 EDO C . 8.61 -6.00 9.44
C2 EDO C . 6.63 -7.35 9.14
O2 EDO C . 5.96 -8.37 9.86
C1 EDO D . -7.50 6.81 -6.63
O1 EDO D . -7.45 8.18 -6.29
C2 EDO D . -6.52 5.98 -5.89
O2 EDO D . -5.41 5.58 -6.66
C1 EDO E . -14.39 43.12 13.63
O1 EDO E . -15.28 43.78 12.76
C2 EDO E . -12.96 43.29 13.27
O2 EDO E . -12.61 44.65 13.02
C1 EDO F . -11.86 -37.57 3.79
O1 EDO F . -11.44 -38.76 3.15
C2 EDO F . -11.69 -37.58 5.27
O2 EDO F . -11.44 -36.31 5.86
C1 EDO G . -21.39 -35.45 16.87
O1 EDO G . -21.12 -36.55 16.01
C2 EDO G . -21.95 -35.87 18.18
O2 EDO G . -21.14 -36.77 18.90
#